data_8CBH
#
_entry.id   8CBH
#
_cell.length_a   44.888
_cell.length_b   215.966
_cell.length_c   55.829
_cell.angle_alpha   90.00
_cell.angle_beta   95.11
_cell.angle_gamma   90.00
#
_symmetry.space_group_name_H-M   'P 1 21 1'
#
loop_
_entity.id
_entity.type
_entity.pdbx_description
1 polymer 'Tyrosine-protein phosphatase non-receptor type 11'
2 non-polymer [(1~{S},6~{R},7~{S})-3-[3-[2,3-bis(chloranyl)phenyl]-2~{H}-pyrazolo[3,4-b]pyrazin-6-yl]-7-(4-methyl-1,3-thiazol-2-yl)-3-azabicyclo[4.1.0]heptan-7-yl]methanamine
3 water water
#
_entity_poly.entity_id   1
_entity_poly.type   'polypeptide(L)'
_entity_poly.pdbx_seq_one_letter_code
;GMTSRRWFHPNITGVEAENLLLTRGVDGSFLARPSKSNPGDFTLSVRRNGAVTHIKIQNTGDYYDLYGGEKFATLAELVQ
YYMEHHGQLKEKNGDVIELKYPLNCADPTSERWFHGHLSGKEAEKLLTEKGKHGSFLVRESQSHPGDFVLSVRTGDDKGE
SNDGKSKVTHVMIRCQELKYDVGGGERFDSLTDLVEHYKKNPMVETLGTVLQLKQPLNTTRINAAEIESRVRELSKLAET
TDKVKQGFWEEFETLQQQECKLLYSRKEGQRQENKNKNRYKNILPFDHTRVVLHDGDPNEPVSDYINANIIMPEFETKCN
NSKPKKSYIATQGCLQNTVNDFWRMVFQENSRVIVMTTKEVERGKSKCVKYWPDEYALKEYGVMRVRNVKESAAHDYTLR
ELKLSKVGQGNTERTVWQYHFRTWPDHGVPSDPGGVLDFLEEVHHKQESIMDAGPVVVHCSAGIGRTGTFIVIDILIDII
REKGVDCDIDVPKTIQMVRSQRSGMVQTEAQYRFIYMAVQHYIETL
;
_entity_poly.pdbx_strand_id   A,B
#
loop_
_chem_comp.id
_chem_comp.type
_chem_comp.name
_chem_comp.formula
U70 non-polymer [(1~{S},6~{R},7~{S})-3-[3-[2,3-bis(chloranyl)phenyl]-2~{H}-pyrazolo[3,4-b]pyrazin-6-yl]-7-(4-methyl-1,3-thiazol-2-yl)-3-azabicyclo[4.1.0]heptan-7-yl]methanamine 'C22 H21 Cl2 N7 S'
#
# COMPACT_ATOMS: atom_id res chain seq x y z
N SER A 4 -18.07 -38.08 14.38
CA SER A 4 -17.57 -37.71 13.01
C SER A 4 -18.39 -36.60 12.31
N ARG A 5 -17.82 -36.09 11.21
CA ARG A 5 -18.44 -35.07 10.34
C ARG A 5 -18.79 -35.62 8.94
N ARG A 6 -19.19 -36.90 8.88
CA ARG A 6 -19.50 -37.57 7.61
C ARG A 6 -20.83 -37.13 6.99
N TRP A 7 -21.72 -36.57 7.82
CA TRP A 7 -22.92 -35.82 7.35
C TRP A 7 -22.67 -34.65 6.39
N PHE A 8 -21.43 -34.14 6.32
CA PHE A 8 -21.04 -33.13 5.32
C PHE A 8 -20.59 -33.75 3.99
N HIS A 9 -21.36 -33.45 2.93
CA HIS A 9 -21.09 -33.91 1.56
C HIS A 9 -20.55 -32.74 0.72
N PRO A 10 -19.22 -32.66 0.48
CA PRO A 10 -18.63 -31.51 -0.21
C PRO A 10 -18.86 -31.36 -1.73
N ASN A 11 -19.12 -32.46 -2.45
CA ASN A 11 -19.25 -32.46 -3.91
C ASN A 11 -20.66 -32.64 -4.47
N ILE A 12 -21.68 -32.84 -3.62
CA ILE A 12 -23.06 -32.98 -4.11
C ILE A 12 -23.71 -31.68 -4.60
N THR A 13 -24.57 -31.81 -5.61
CA THR A 13 -25.56 -30.79 -5.98
C THR A 13 -26.80 -30.89 -5.07
N GLY A 14 -27.73 -29.96 -5.21
CA GLY A 14 -29.03 -29.99 -4.51
C GLY A 14 -29.99 -31.10 -4.95
N VAL A 15 -29.94 -31.46 -6.24
CA VAL A 15 -30.74 -32.56 -6.81
C VAL A 15 -30.24 -33.91 -6.27
N GLU A 16 -28.92 -34.11 -6.33
CA GLU A 16 -28.24 -35.26 -5.69
C GLU A 16 -28.53 -35.36 -4.18
N ALA A 17 -28.54 -34.23 -3.47
CA ALA A 17 -28.91 -34.17 -2.05
C ALA A 17 -30.33 -34.68 -1.76
N GLU A 18 -31.28 -34.26 -2.59
CA GLU A 18 -32.68 -34.68 -2.49
C GLU A 18 -32.87 -36.17 -2.75
N ASN A 19 -32.41 -36.61 -3.92
CA ASN A 19 -32.46 -38.04 -4.33
C ASN A 19 -31.76 -38.98 -3.32
N LEU A 20 -30.64 -38.54 -2.75
N LEU A 20 -30.64 -38.54 -2.75
CA LEU A 20 -29.90 -39.28 -1.71
CA LEU A 20 -29.91 -39.28 -1.71
C LEU A 20 -30.69 -39.39 -0.39
C LEU A 20 -30.69 -39.39 -0.39
N LEU A 21 -31.30 -38.28 0.05
CA LEU A 21 -32.19 -38.29 1.26
C LEU A 21 -33.49 -39.11 1.05
N LEU A 22 -34.08 -39.01 -0.14
CA LEU A 22 -35.31 -39.76 -0.51
C LEU A 22 -35.13 -41.27 -0.73
N THR A 23 -33.94 -41.71 -1.19
CA THR A 23 -33.63 -43.13 -1.41
C THR A 23 -32.88 -43.78 -0.22
N ARG A 24 -31.68 -43.26 0.11
CA ARG A 24 -30.83 -43.80 1.22
C ARG A 24 -31.10 -43.24 2.64
N GLY A 25 -32.12 -42.39 2.79
CA GLY A 25 -32.55 -41.86 4.08
C GLY A 25 -34.01 -42.13 4.41
N VAL A 26 -34.40 -41.67 5.59
CA VAL A 26 -35.76 -41.73 6.15
C VAL A 26 -36.12 -40.37 6.80
N ASP A 27 -37.30 -40.28 7.41
CA ASP A 27 -37.71 -39.06 8.16
C ASP A 27 -36.79 -38.83 9.37
N GLY A 28 -36.23 -37.60 9.44
CA GLY A 28 -35.17 -37.25 10.39
C GLY A 28 -33.76 -37.34 9.85
N SER A 29 -33.59 -37.81 8.61
CA SER A 29 -32.27 -37.84 7.96
C SER A 29 -31.89 -36.44 7.48
N PHE A 30 -30.59 -36.15 7.54
CA PHE A 30 -30.06 -34.87 7.14
C PHE A 30 -28.65 -34.97 6.59
N LEU A 31 -28.31 -33.98 5.78
CA LEU A 31 -26.93 -33.75 5.37
C LEU A 31 -26.69 -32.25 5.22
N ALA A 32 -25.43 -31.87 5.33
CA ALA A 32 -24.96 -30.50 5.07
C ALA A 32 -24.15 -30.50 3.79
N ARG A 33 -24.09 -29.36 3.10
CA ARG A 33 -23.39 -29.26 1.82
C ARG A 33 -23.03 -27.81 1.45
N PRO A 34 -21.92 -27.58 0.69
CA PRO A 34 -21.61 -26.22 0.22
C PRO A 34 -22.57 -25.75 -0.88
N SER A 35 -22.83 -24.45 -0.89
CA SER A 35 -23.72 -23.83 -1.85
C SER A 35 -22.92 -23.73 -3.15
N LYS A 36 -23.29 -24.57 -4.12
CA LYS A 36 -22.60 -24.65 -5.41
C LYS A 36 -22.78 -23.36 -6.24
N SER A 37 -23.93 -22.70 -6.09
CA SER A 37 -24.21 -21.40 -6.73
C SER A 37 -23.41 -20.24 -6.16
N ASN A 38 -23.36 -20.14 -4.82
CA ASN A 38 -22.80 -18.97 -4.11
C ASN A 38 -21.75 -19.45 -3.08
N PRO A 39 -20.47 -19.64 -3.52
CA PRO A 39 -19.44 -20.22 -2.63
C PRO A 39 -19.05 -19.29 -1.46
N GLY A 40 -19.03 -19.85 -0.26
CA GLY A 40 -19.10 -19.09 1.00
C GLY A 40 -20.30 -19.54 1.83
N ASP A 41 -21.44 -19.76 1.16
CA ASP A 41 -22.66 -20.32 1.76
C ASP A 41 -22.71 -21.85 1.76
N PHE A 42 -23.57 -22.38 2.63
CA PHE A 42 -23.85 -23.80 2.83
C PHE A 42 -25.35 -24.04 2.91
N THR A 43 -25.75 -25.31 2.85
CA THR A 43 -27.16 -25.73 2.95
C THR A 43 -27.32 -26.93 3.90
N LEU A 44 -28.29 -26.89 4.80
CA LEU A 44 -28.72 -28.04 5.59
C LEU A 44 -30.00 -28.62 4.97
N SER A 45 -29.86 -29.75 4.27
CA SER A 45 -30.98 -30.47 3.63
C SER A 45 -31.47 -31.56 4.59
N VAL A 46 -32.71 -31.45 5.08
CA VAL A 46 -33.31 -32.40 6.06
C VAL A 46 -34.55 -33.06 5.45
N ARG A 47 -34.80 -34.33 5.79
CA ARG A 47 -36.01 -35.06 5.40
C ARG A 47 -37.08 -35.05 6.51
N ARG A 48 -38.34 -34.83 6.11
CA ARG A 48 -39.49 -34.87 7.04
C ARG A 48 -40.84 -35.09 6.32
N ASN A 49 -41.64 -36.04 6.83
CA ASN A 49 -42.93 -36.45 6.24
C ASN A 49 -42.87 -36.96 4.78
N GLY A 50 -41.75 -37.59 4.41
CA GLY A 50 -41.50 -38.02 3.04
C GLY A 50 -41.22 -36.89 2.07
N ALA A 51 -40.48 -35.86 2.52
CA ALA A 51 -40.14 -34.67 1.71
C ALA A 51 -38.88 -34.01 2.25
N VAL A 52 -38.13 -33.34 1.37
CA VAL A 52 -36.84 -32.73 1.70
C VAL A 52 -37.01 -31.19 1.85
N THR A 53 -36.52 -30.66 2.97
CA THR A 53 -36.49 -29.19 3.25
C THR A 53 -35.04 -28.68 3.35
N HIS A 54 -34.72 -27.63 2.58
CA HIS A 54 -33.36 -27.06 2.49
C HIS A 54 -33.29 -25.76 3.28
N ILE A 55 -32.42 -25.72 4.28
CA ILE A 55 -32.18 -24.54 5.12
C ILE A 55 -30.83 -23.93 4.74
N LYS A 56 -30.84 -22.66 4.33
CA LYS A 56 -29.63 -21.91 3.99
C LYS A 56 -28.82 -21.54 5.26
N ILE A 57 -27.49 -21.59 5.14
CA ILE A 57 -26.55 -21.12 6.18
C ILE A 57 -25.51 -20.24 5.48
N GLN A 58 -25.49 -18.94 5.80
CA GLN A 58 -24.45 -18.01 5.30
C GLN A 58 -23.27 -17.88 6.29
N ASN A 59 -22.06 -17.80 5.75
CA ASN A 59 -20.89 -17.34 6.49
C ASN A 59 -20.20 -16.29 5.64
N THR A 60 -20.36 -15.04 6.04
CA THR A 60 -19.65 -13.88 5.46
C THR A 60 -18.27 -13.62 6.09
N GLY A 61 -17.83 -14.42 7.06
CA GLY A 61 -16.51 -14.30 7.67
C GLY A 61 -16.49 -14.26 9.18
N ASP A 62 -17.62 -13.96 9.83
CA ASP A 62 -17.70 -13.80 11.30
C ASP A 62 -18.20 -15.02 12.05
N TYR A 63 -19.16 -15.73 11.45
CA TYR A 63 -19.90 -16.85 12.07
C TYR A 63 -20.78 -17.52 11.00
N TYR A 64 -21.22 -18.75 11.28
CA TYR A 64 -22.23 -19.43 10.45
C TYR A 64 -23.60 -18.97 10.95
N ASP A 65 -24.35 -18.29 10.08
CA ASP A 65 -25.67 -17.75 10.44
C ASP A 65 -26.69 -18.69 9.80
N LEU A 66 -27.39 -19.45 10.64
CA LEU A 66 -28.50 -20.30 10.18
C LEU A 66 -29.70 -19.41 9.97
N TYR A 67 -30.34 -19.54 8.81
CA TYR A 67 -31.44 -18.68 8.43
C TYR A 67 -32.70 -19.14 9.18
N GLY A 68 -33.30 -18.22 9.94
CA GLY A 68 -34.36 -18.55 10.89
C GLY A 68 -33.91 -19.39 12.06
N GLY A 69 -32.65 -19.20 12.48
CA GLY A 69 -32.03 -19.94 13.59
C GLY A 69 -30.97 -19.12 14.30
N GLU A 70 -30.06 -19.81 14.98
CA GLU A 70 -28.99 -19.20 15.77
C GLU A 70 -27.68 -19.12 14.97
N LYS A 71 -26.70 -18.40 15.53
CA LYS A 71 -25.36 -18.24 14.94
C LYS A 71 -24.35 -19.15 15.62
N PHE A 72 -23.46 -19.78 14.83
CA PHE A 72 -22.49 -20.79 15.33
C PHE A 72 -21.07 -20.58 14.84
N ALA A 73 -20.14 -21.19 15.57
CA ALA A 73 -18.69 -21.11 15.30
C ALA A 73 -18.20 -22.14 14.29
N THR A 74 -18.82 -23.32 14.30
CA THR A 74 -18.56 -24.36 13.30
C THR A 74 -19.88 -25.03 12.92
N LEU A 75 -19.91 -25.72 11.76
CA LEU A 75 -21.06 -26.57 11.39
C LEU A 75 -21.23 -27.78 12.34
N ALA A 76 -20.14 -28.35 12.84
CA ALA A 76 -20.24 -29.43 13.82
C ALA A 76 -20.94 -28.98 15.11
N GLU A 77 -20.53 -27.82 15.63
CA GLU A 77 -21.18 -27.22 16.81
C GLU A 77 -22.64 -26.86 16.55
N LEU A 78 -22.96 -26.46 15.31
CA LEU A 78 -24.35 -26.28 14.85
C LEU A 78 -25.16 -27.58 14.89
N VAL A 79 -24.66 -28.63 14.25
CA VAL A 79 -25.32 -29.96 14.20
C VAL A 79 -25.48 -30.53 15.61
N GLN A 80 -24.42 -30.46 16.41
CA GLN A 80 -24.46 -30.88 17.82
C GLN A 80 -25.59 -30.21 18.60
N TYR A 81 -25.72 -28.88 18.45
CA TYR A 81 -26.74 -28.09 19.16
C TYR A 81 -28.18 -28.52 18.86
N TYR A 82 -28.50 -28.69 17.57
CA TYR A 82 -29.86 -29.02 17.14
C TYR A 82 -30.24 -30.50 17.30
N MET A 83 -29.28 -31.40 17.14
CA MET A 83 -29.45 -32.83 17.56
C MET A 83 -29.76 -33.00 19.06
N GLU A 84 -29.15 -32.15 19.90
CA GLU A 84 -29.34 -32.17 21.36
C GLU A 84 -30.38 -31.18 21.93
N HIS A 85 -30.77 -30.15 21.16
CA HIS A 85 -31.87 -29.23 21.52
C HIS A 85 -32.98 -29.34 20.49
N HIS A 86 -33.77 -30.40 20.66
CA HIS A 86 -35.13 -30.59 20.07
C HIS A 86 -35.99 -29.32 19.94
N GLY A 87 -36.74 -29.21 18.84
CA GLY A 87 -37.73 -28.13 18.68
C GLY A 87 -37.26 -26.68 18.54
N GLN A 88 -35.95 -26.48 18.41
CA GLN A 88 -35.33 -25.16 18.23
C GLN A 88 -35.36 -24.77 16.75
N LEU A 89 -35.05 -25.75 15.88
CA LEU A 89 -35.13 -25.59 14.42
C LEU A 89 -36.59 -25.74 13.97
N LYS A 90 -37.15 -24.74 13.27
CA LYS A 90 -38.60 -24.64 12.96
C LYS A 90 -38.89 -24.62 11.45
N VAL A 96 -41.26 -26.97 13.09
CA VAL A 96 -40.41 -27.91 13.84
C VAL A 96 -39.76 -28.93 12.90
N ILE A 97 -38.42 -28.97 12.93
CA ILE A 97 -37.60 -29.86 12.10
C ILE A 97 -36.60 -30.55 13.04
N GLU A 98 -36.66 -31.88 13.11
CA GLU A 98 -35.74 -32.71 13.91
C GLU A 98 -34.60 -33.28 13.06
N LEU A 99 -33.37 -33.12 13.57
CA LEU A 99 -32.17 -33.78 13.04
C LEU A 99 -31.91 -35.05 13.85
N LYS A 100 -32.17 -36.20 13.22
CA LYS A 100 -32.15 -37.52 13.90
C LYS A 100 -30.98 -38.40 13.43
N TYR A 101 -30.90 -38.62 12.12
CA TYR A 101 -30.00 -39.59 11.48
C TYR A 101 -29.06 -38.89 10.49
N PRO A 102 -27.78 -38.70 10.86
CA PRO A 102 -26.84 -38.11 9.89
C PRO A 102 -26.61 -39.02 8.67
N LEU A 103 -26.99 -38.56 7.48
CA LEU A 103 -26.73 -39.31 6.25
C LEU A 103 -25.26 -39.17 5.90
N ASN A 104 -24.49 -40.24 6.13
CA ASN A 104 -23.02 -40.21 5.97
C ASN A 104 -22.61 -40.22 4.51
N CYS A 105 -21.50 -39.52 4.23
CA CYS A 105 -20.92 -39.37 2.91
C CYS A 105 -19.85 -40.42 2.71
N ALA A 106 -19.81 -41.02 1.51
CA ALA A 106 -18.82 -42.04 1.13
C ALA A 106 -17.55 -41.47 0.51
N ASP A 107 -17.61 -40.20 0.09
CA ASP A 107 -16.60 -39.55 -0.74
C ASP A 107 -15.32 -39.36 0.10
N PRO A 108 -14.16 -39.89 -0.36
CA PRO A 108 -12.89 -39.71 0.38
C PRO A 108 -12.16 -38.35 0.25
N THR A 109 -12.65 -37.45 -0.62
CA THR A 109 -12.01 -36.16 -0.96
C THR A 109 -11.41 -35.40 0.22
N SER A 110 -12.24 -35.18 1.25
CA SER A 110 -11.89 -34.38 2.43
C SER A 110 -11.19 -35.15 3.59
N GLU A 111 -10.64 -36.36 3.32
CA GLU A 111 -9.82 -37.09 4.29
C GLU A 111 -8.35 -36.73 4.11
N ARG A 112 -7.60 -36.69 5.22
CA ARG A 112 -6.16 -36.30 5.26
C ARG A 112 -5.27 -37.27 4.50
N TRP A 113 -5.60 -38.55 4.63
CA TRP A 113 -4.92 -39.67 3.96
C TRP A 113 -5.20 -39.84 2.45
N PHE A 114 -6.26 -39.23 1.92
CA PHE A 114 -6.60 -39.37 0.50
C PHE A 114 -5.85 -38.35 -0.37
N HIS A 115 -5.04 -38.85 -1.31
CA HIS A 115 -4.22 -38.03 -2.21
C HIS A 115 -4.68 -37.99 -3.69
N GLY A 116 -5.79 -38.67 -4.03
CA GLY A 116 -6.37 -38.58 -5.37
C GLY A 116 -5.49 -39.20 -6.43
N HIS A 117 -5.51 -38.61 -7.64
CA HIS A 117 -4.61 -39.00 -8.73
C HIS A 117 -3.16 -38.62 -8.38
N LEU A 118 -2.49 -39.53 -7.68
CA LEU A 118 -1.08 -39.45 -7.34
C LEU A 118 -0.46 -40.74 -7.90
N SER A 119 0.64 -40.61 -8.64
CA SER A 119 1.36 -41.79 -9.19
C SER A 119 2.03 -42.63 -8.07
N GLY A 120 2.38 -43.87 -8.43
CA GLY A 120 3.02 -44.81 -7.51
C GLY A 120 4.45 -44.44 -7.13
N LYS A 121 5.22 -43.98 -8.11
CA LYS A 121 6.60 -43.49 -7.88
C LYS A 121 6.63 -42.26 -6.94
N GLU A 122 5.73 -41.30 -7.18
CA GLU A 122 5.67 -40.06 -6.38
C GLU A 122 5.10 -40.25 -4.96
N ALA A 123 4.24 -41.25 -4.77
CA ALA A 123 3.83 -41.70 -3.42
C ALA A 123 4.98 -42.33 -2.62
N GLU A 124 5.85 -43.07 -3.29
CA GLU A 124 7.00 -43.71 -2.64
C GLU A 124 8.10 -42.70 -2.24
N LYS A 125 8.36 -41.70 -3.10
CA LYS A 125 9.24 -40.57 -2.75
C LYS A 125 8.84 -39.91 -1.44
N LEU A 126 7.57 -39.51 -1.38
CA LEU A 126 7.00 -38.79 -0.25
C LEU A 126 7.08 -39.56 1.05
N LEU A 127 6.75 -40.85 1.02
CA LEU A 127 6.90 -41.73 2.20
C LEU A 127 8.35 -41.94 2.64
N THR A 128 9.27 -42.04 1.66
CA THR A 128 10.70 -42.13 1.97
C THR A 128 11.26 -40.83 2.59
N GLU A 129 10.90 -39.70 2.00
CA GLU A 129 11.42 -38.38 2.40
C GLU A 129 10.72 -37.83 3.64
N LYS A 130 9.40 -37.70 3.56
CA LYS A 130 8.58 -37.05 4.60
C LYS A 130 8.00 -38.00 5.66
N GLY A 131 7.68 -39.24 5.25
CA GLY A 131 7.06 -40.22 6.14
C GLY A 131 7.99 -40.82 7.17
N LYS A 132 7.37 -41.39 8.21
CA LYS A 132 8.04 -42.21 9.23
C LYS A 132 7.19 -43.48 9.50
N HIS A 133 7.48 -44.21 10.59
CA HIS A 133 6.75 -45.44 10.93
C HIS A 133 5.25 -45.21 11.13
N GLY A 134 4.43 -45.98 10.40
CA GLY A 134 2.98 -45.86 10.42
C GLY A 134 2.37 -44.74 9.56
N SER A 135 3.20 -44.04 8.78
CA SER A 135 2.72 -42.99 7.88
C SER A 135 2.08 -43.65 6.67
N PHE A 136 0.86 -43.22 6.33
CA PHE A 136 0.12 -43.82 5.21
C PHE A 136 -0.60 -42.81 4.33
N LEU A 137 -0.96 -43.29 3.15
CA LEU A 137 -1.81 -42.57 2.21
C LEU A 137 -2.61 -43.55 1.38
N VAL A 138 -3.70 -43.06 0.80
CA VAL A 138 -4.51 -43.79 -0.18
C VAL A 138 -4.57 -42.93 -1.44
N ARG A 139 -4.44 -43.59 -2.57
CA ARG A 139 -4.36 -42.95 -3.90
C ARG A 139 -5.12 -43.80 -4.92
N GLU A 140 -5.53 -43.16 -6.01
CA GLU A 140 -6.20 -43.84 -7.13
C GLU A 140 -5.18 -44.74 -7.85
N SER A 141 -5.61 -45.97 -8.18
CA SER A 141 -4.72 -46.94 -8.80
C SER A 141 -4.44 -46.55 -10.25
N GLN A 142 -3.16 -46.29 -10.53
CA GLN A 142 -2.62 -46.10 -11.90
C GLN A 142 -3.07 -47.18 -12.93
N SER A 143 -3.05 -48.46 -12.51
CA SER A 143 -3.37 -49.61 -13.39
C SER A 143 -4.87 -49.74 -13.65
N HIS A 144 -5.63 -49.93 -12.57
CA HIS A 144 -7.04 -50.35 -12.61
C HIS A 144 -7.93 -49.15 -12.27
N PRO A 145 -8.59 -48.50 -13.27
CA PRO A 145 -9.43 -47.33 -12.93
C PRO A 145 -10.69 -47.73 -12.18
N GLY A 146 -10.93 -47.10 -11.03
CA GLY A 146 -11.94 -47.52 -10.06
C GLY A 146 -11.30 -48.00 -8.76
N ASP A 147 -10.21 -48.77 -8.87
CA ASP A 147 -9.45 -49.27 -7.71
C ASP A 147 -8.57 -48.20 -7.09
N PHE A 148 -8.10 -48.52 -5.88
CA PHE A 148 -7.22 -47.64 -5.08
C PHE A 148 -6.05 -48.44 -4.54
N VAL A 149 -5.06 -47.72 -4.00
CA VAL A 149 -3.85 -48.35 -3.42
C VAL A 149 -3.58 -47.67 -2.08
N LEU A 150 -3.24 -48.46 -1.06
CA LEU A 150 -2.91 -47.97 0.28
C LEU A 150 -1.43 -48.17 0.48
N SER A 151 -0.67 -47.07 0.54
CA SER A 151 0.79 -47.13 0.66
C SER A 151 1.20 -46.80 2.10
N VAL A 152 1.83 -47.75 2.80
CA VAL A 152 2.20 -47.63 4.23
C VAL A 152 3.70 -47.77 4.39
N ARG A 153 4.28 -46.92 5.25
CA ARG A 153 5.68 -47.03 5.67
C ARG A 153 5.71 -47.76 7.01
N THR A 154 6.71 -48.65 7.13
CA THR A 154 6.95 -49.42 8.34
C THR A 154 8.46 -49.40 8.68
N GLY A 155 8.79 -49.95 9.86
CA GLY A 155 10.17 -50.09 10.34
C GLY A 155 10.61 -49.04 11.32
N ASP A 156 11.85 -48.56 11.15
CA ASP A 156 12.55 -47.75 12.15
C ASP A 156 12.32 -46.24 11.96
N ASP A 157 12.26 -45.50 13.07
CA ASP A 157 12.12 -44.02 13.09
C ASP A 157 10.86 -43.51 12.40
N ASN A 162 17.69 -44.36 2.63
CA ASN A 162 19.12 -44.63 2.79
C ASN A 162 19.45 -45.69 3.85
N ASP A 163 18.84 -45.55 5.04
CA ASP A 163 19.20 -46.30 6.27
C ASP A 163 19.17 -47.85 6.18
N GLY A 164 18.23 -48.41 5.41
CA GLY A 164 18.06 -49.87 5.24
C GLY A 164 16.87 -50.48 5.98
N LYS A 165 16.71 -50.11 7.26
CA LYS A 165 15.77 -50.79 8.19
C LYS A 165 14.27 -50.58 7.95
N SER A 166 13.88 -49.41 7.44
CA SER A 166 12.48 -49.10 7.08
C SER A 166 12.12 -49.59 5.67
N LYS A 167 10.84 -49.50 5.33
CA LYS A 167 10.31 -49.96 4.03
C LYS A 167 8.91 -49.43 3.74
N VAL A 168 8.59 -49.29 2.46
CA VAL A 168 7.23 -48.98 2.00
C VAL A 168 6.54 -50.31 1.67
N THR A 169 5.23 -50.35 1.89
CA THR A 169 4.37 -51.48 1.52
C THR A 169 3.12 -50.90 0.84
N HIS A 170 2.83 -51.37 -0.38
CA HIS A 170 1.59 -51.03 -1.12
C HIS A 170 0.57 -52.15 -0.94
N VAL A 171 -0.72 -51.80 -0.87
CA VAL A 171 -1.82 -52.76 -0.68
C VAL A 171 -2.92 -52.36 -1.63
N MET A 172 -3.25 -53.23 -2.59
CA MET A 172 -4.26 -52.94 -3.61
C MET A 172 -5.64 -53.01 -2.96
N ILE A 173 -6.48 -52.01 -3.27
CA ILE A 173 -7.83 -51.88 -2.74
C ILE A 173 -8.74 -51.92 -3.95
N ARG A 174 -9.48 -53.02 -4.04
CA ARG A 174 -10.29 -53.32 -5.20
C ARG A 174 -11.65 -52.74 -4.96
N CYS A 175 -12.22 -52.14 -6.01
CA CYS A 175 -13.61 -51.72 -6.00
C CYS A 175 -14.40 -52.74 -6.82
N GLN A 176 -15.31 -53.46 -6.14
CA GLN A 176 -16.18 -54.47 -6.76
C GLN A 176 -17.62 -54.14 -6.35
N GLU A 177 -18.44 -53.72 -7.32
CA GLU A 177 -19.88 -53.47 -7.13
C GLU A 177 -20.18 -52.46 -6.01
N LEU A 178 -19.52 -51.30 -6.10
CA LEU A 178 -19.67 -50.18 -5.15
C LEU A 178 -19.16 -50.41 -3.70
N LYS A 179 -18.43 -51.50 -3.44
CA LYS A 179 -17.82 -51.78 -2.13
C LYS A 179 -16.31 -52.03 -2.28
N TYR A 180 -15.57 -51.83 -1.18
CA TYR A 180 -14.10 -51.79 -1.16
C TYR A 180 -13.52 -52.87 -0.29
N ASP A 181 -12.44 -53.51 -0.73
CA ASP A 181 -11.72 -54.55 0.04
C ASP A 181 -10.23 -54.61 -0.30
N VAL A 182 -9.48 -55.30 0.57
CA VAL A 182 -8.03 -55.57 0.39
C VAL A 182 -7.76 -56.99 -0.11
N GLY A 183 -8.59 -57.46 -1.05
CA GLY A 183 -8.50 -58.83 -1.58
C GLY A 183 -9.00 -59.98 -0.72
N GLY A 184 -9.65 -59.68 0.42
CA GLY A 184 -10.21 -60.72 1.28
C GLY A 184 -10.79 -60.21 2.58
N GLY A 185 -11.84 -60.87 3.04
CA GLY A 185 -12.48 -60.62 4.33
C GLY A 185 -13.68 -59.72 4.15
N GLU A 186 -13.77 -58.66 4.98
N GLU A 186 -13.70 -58.63 4.92
CA GLU A 186 -14.92 -57.75 4.96
CA GLU A 186 -14.82 -57.69 4.95
C GLU A 186 -14.80 -56.78 3.79
C GLU A 186 -14.77 -56.78 3.74
N ARG A 187 -15.95 -56.42 3.23
CA ARG A 187 -16.11 -55.46 2.12
C ARG A 187 -16.84 -54.25 2.66
N PHE A 188 -16.28 -53.05 2.48
CA PHE A 188 -16.75 -51.81 3.09
C PHE A 188 -17.45 -50.92 2.08
N ASP A 189 -18.48 -50.20 2.54
CA ASP A 189 -19.22 -49.23 1.70
C ASP A 189 -18.46 -47.93 1.34
N SER A 190 -17.38 -47.63 2.06
CA SER A 190 -16.48 -46.50 1.73
C SER A 190 -15.03 -46.79 2.10
N LEU A 191 -14.10 -46.12 1.40
CA LEU A 191 -12.66 -46.13 1.75
C LEU A 191 -12.37 -45.68 3.18
N THR A 192 -13.16 -44.74 3.69
CA THR A 192 -13.10 -44.29 5.09
C THR A 192 -13.37 -45.43 6.07
N ASP A 193 -14.47 -46.15 5.84
CA ASP A 193 -14.78 -47.34 6.67
C ASP A 193 -13.69 -48.40 6.57
N LEU A 194 -13.14 -48.60 5.36
CA LEU A 194 -12.00 -49.50 5.14
C LEU A 194 -10.77 -49.08 5.96
N VAL A 195 -10.35 -47.83 5.79
CA VAL A 195 -9.16 -47.27 6.46
C VAL A 195 -9.33 -47.26 8.00
N GLU A 196 -10.49 -46.85 8.48
CA GLU A 196 -10.79 -46.83 9.92
C GLU A 196 -10.83 -48.24 10.54
N HIS A 197 -11.22 -49.25 9.75
CA HIS A 197 -11.19 -50.65 10.19
C HIS A 197 -9.76 -51.14 10.37
N TYR A 198 -8.92 -50.90 9.36
CA TYR A 198 -7.50 -51.32 9.43
C TYR A 198 -6.58 -50.41 10.29
N LYS A 199 -7.06 -49.21 10.65
CA LYS A 199 -6.49 -48.46 11.79
C LYS A 199 -6.68 -49.25 13.09
N LYS A 200 -7.94 -49.61 13.37
CA LYS A 200 -8.30 -50.40 14.55
C LYS A 200 -7.71 -51.83 14.53
N ASN A 201 -7.74 -52.47 13.35
CA ASN A 201 -7.36 -53.88 13.16
C ASN A 201 -6.24 -54.01 12.10
N PRO A 202 -4.98 -53.65 12.46
CA PRO A 202 -3.91 -53.66 11.45
C PRO A 202 -3.71 -54.99 10.71
N MET A 203 -3.52 -54.90 9.39
CA MET A 203 -3.08 -56.03 8.58
C MET A 203 -1.69 -56.44 9.01
N VAL A 204 -1.50 -57.75 9.18
CA VAL A 204 -0.21 -58.33 9.47
C VAL A 204 0.19 -59.18 8.26
N GLU A 205 1.44 -59.05 7.81
CA GLU A 205 2.02 -59.88 6.74
C GLU A 205 2.41 -61.27 7.27
N THR A 206 2.71 -62.19 6.33
CA THR A 206 3.06 -63.61 6.65
C THR A 206 4.27 -63.79 7.58
N LEU A 207 5.26 -62.89 7.44
CA LEU A 207 6.46 -62.86 8.30
C LEU A 207 6.39 -61.88 9.50
N GLY A 208 5.17 -61.49 9.90
CA GLY A 208 4.94 -60.76 11.15
C GLY A 208 5.01 -59.24 11.16
N THR A 209 5.16 -58.60 9.99
CA THR A 209 5.17 -57.13 9.90
C THR A 209 3.73 -56.63 10.01
N VAL A 210 3.50 -55.76 11.00
CA VAL A 210 2.19 -55.18 11.30
C VAL A 210 2.12 -53.87 10.50
N LEU A 211 1.16 -53.80 9.58
CA LEU A 211 0.96 -52.63 8.70
C LEU A 211 0.08 -51.58 9.40
N GLN A 212 0.68 -50.91 10.38
CA GLN A 212 -0.01 -49.93 11.25
C GLN A 212 -0.26 -48.63 10.50
N LEU A 213 -1.45 -48.07 10.67
CA LEU A 213 -1.84 -46.80 10.06
C LEU A 213 -1.88 -45.79 11.20
N LYS A 214 -0.68 -45.35 11.62
CA LYS A 214 -0.52 -44.48 12.79
C LYS A 214 -0.93 -43.03 12.51
N GLN A 215 -0.48 -42.49 11.38
CA GLN A 215 -0.82 -41.11 10.98
C GLN A 215 -0.85 -40.94 9.46
N PRO A 216 -1.70 -40.03 8.93
CA PRO A 216 -1.60 -39.74 7.49
C PRO A 216 -0.31 -39.00 7.14
N LEU A 217 0.11 -39.09 5.89
CA LEU A 217 1.36 -38.45 5.44
C LEU A 217 1.18 -36.93 5.33
N ASN A 218 2.06 -36.17 5.97
CA ASN A 218 2.01 -34.71 5.90
C ASN A 218 2.60 -34.21 4.58
N THR A 219 1.76 -33.52 3.79
CA THR A 219 2.17 -32.80 2.58
C THR A 219 1.81 -31.30 2.57
N THR A 220 1.37 -30.77 3.71
CA THR A 220 1.01 -29.35 3.86
C THR A 220 2.14 -28.52 4.47
N ARG A 221 2.98 -29.13 5.33
CA ARG A 221 4.20 -28.51 5.84
C ARG A 221 5.14 -28.21 4.67
N ILE A 222 5.51 -26.93 4.54
CA ILE A 222 6.49 -26.47 3.56
C ILE A 222 7.60 -25.76 4.26
N ASN A 223 8.77 -25.75 3.62
CA ASN A 223 9.81 -24.79 3.92
C ASN A 223 9.32 -23.42 3.41
N ALA A 224 9.46 -22.38 4.25
CA ALA A 224 8.98 -21.01 3.92
C ALA A 224 9.59 -20.38 2.65
N ALA A 225 10.79 -20.82 2.26
CA ALA A 225 11.37 -20.47 0.94
C ALA A 225 10.44 -20.77 -0.24
N GLU A 226 9.88 -21.99 -0.26
CA GLU A 226 9.00 -22.46 -1.34
C GLU A 226 7.49 -22.14 -1.14
N ILE A 227 7.16 -21.06 -0.40
CA ILE A 227 5.77 -20.56 -0.28
C ILE A 227 5.17 -20.13 -1.63
N GLU A 228 5.95 -19.43 -2.44
CA GLU A 228 5.51 -18.95 -3.76
C GLU A 228 5.12 -20.09 -4.72
N SER A 229 5.90 -21.16 -4.70
CA SER A 229 5.61 -22.37 -5.48
C SER A 229 4.36 -23.11 -5.00
N ARG A 230 4.20 -23.23 -3.67
CA ARG A 230 3.03 -23.91 -3.07
C ARG A 230 1.71 -23.16 -3.34
N VAL A 231 1.73 -21.83 -3.20
CA VAL A 231 0.58 -20.96 -3.57
C VAL A 231 0.24 -21.10 -5.06
N ARG A 232 1.29 -21.20 -5.91
CA ARG A 232 1.13 -21.46 -7.34
C ARG A 232 0.49 -22.84 -7.58
N GLU A 233 0.94 -23.84 -6.83
CA GLU A 233 0.35 -25.20 -6.86
C GLU A 233 -1.11 -25.22 -6.40
N LEU A 234 -1.38 -24.58 -5.27
CA LEU A 234 -2.74 -24.46 -4.71
C LEU A 234 -3.74 -23.63 -5.53
N SER A 235 -3.24 -22.75 -6.41
CA SER A 235 -4.06 -21.88 -7.27
C SER A 235 -4.57 -22.55 -8.56
N LYS A 236 -3.84 -23.51 -9.12
CA LYS A 236 -4.17 -24.13 -10.42
C LYS A 236 -5.41 -25.04 -10.36
N GLN A 246 -9.83 -26.14 -7.55
CA GLN A 246 -8.74 -25.43 -6.89
C GLN A 246 -8.20 -26.19 -5.67
N GLY A 247 -6.87 -26.26 -5.56
CA GLY A 247 -6.20 -26.94 -4.46
C GLY A 247 -6.35 -26.32 -3.08
N PHE A 248 -6.62 -25.01 -3.02
CA PHE A 248 -6.97 -24.31 -1.76
C PHE A 248 -8.21 -24.87 -1.09
N TRP A 249 -9.21 -25.25 -1.91
CA TRP A 249 -10.48 -25.83 -1.45
C TRP A 249 -10.31 -27.22 -0.84
N GLU A 250 -9.50 -28.04 -1.52
CA GLU A 250 -9.14 -29.39 -1.07
C GLU A 250 -8.45 -29.37 0.30
N GLU A 251 -7.50 -28.46 0.47
CA GLU A 251 -6.77 -28.30 1.73
C GLU A 251 -7.68 -27.77 2.84
N PHE A 252 -8.49 -26.74 2.52
CA PHE A 252 -9.43 -26.14 3.49
C PHE A 252 -10.57 -27.08 3.93
N GLU A 253 -11.25 -27.74 3.00
CA GLU A 253 -12.33 -28.68 3.37
C GLU A 253 -11.87 -29.95 4.09
N THR A 254 -10.63 -30.37 3.85
CA THR A 254 -9.96 -31.40 4.67
C THR A 254 -9.74 -30.94 6.12
N LEU A 255 -9.38 -29.66 6.30
CA LEU A 255 -9.24 -29.05 7.62
C LEU A 255 -10.59 -28.95 8.32
N GLN A 256 -11.62 -28.51 7.59
CA GLN A 256 -13.01 -28.42 8.10
C GLN A 256 -13.57 -29.76 8.59
N GLN A 257 -13.21 -30.85 7.91
CA GLN A 257 -13.62 -32.22 8.30
C GLN A 257 -13.11 -32.63 9.70
N GLN A 258 -11.96 -32.08 10.10
CA GLN A 258 -11.35 -32.35 11.41
C GLN A 258 -11.91 -31.51 12.58
N GLU A 259 -12.86 -30.60 12.34
CA GLU A 259 -13.50 -29.81 13.42
C GLU A 259 -14.35 -30.64 14.41
N CYS A 260 -14.85 -31.80 13.97
CA CYS A 260 -15.48 -32.82 14.85
C CYS A 260 -14.59 -33.35 15.99
N LYS A 261 -13.26 -33.30 15.83
CA LYS A 261 -12.31 -33.51 16.94
C LYS A 261 -12.31 -32.41 18.02
N LEU A 262 -12.84 -31.24 17.71
CA LEU A 262 -12.75 -30.03 18.54
C LEU A 262 -14.07 -29.59 19.16
N LEU A 263 -14.94 -30.55 19.49
CA LEU A 263 -16.23 -30.30 20.16
C LEU A 263 -16.04 -30.45 21.67
N TYR A 264 -15.14 -29.65 22.23
CA TYR A 264 -14.85 -29.66 23.67
C TYR A 264 -15.93 -28.85 24.38
N SER A 265 -16.05 -29.06 25.68
CA SER A 265 -17.16 -28.51 26.46
C SER A 265 -17.06 -26.99 26.64
N ARG A 266 -18.23 -26.35 26.56
CA ARG A 266 -18.42 -24.92 26.81
C ARG A 266 -19.56 -24.77 27.81
N LYS A 267 -19.45 -25.45 28.95
CA LYS A 267 -20.49 -25.48 29.98
C LYS A 267 -20.70 -24.13 30.68
N GLU A 268 -19.61 -23.41 30.93
CA GLU A 268 -19.66 -22.14 31.70
C GLU A 268 -20.37 -21.03 30.95
N GLY A 269 -20.17 -20.93 29.63
CA GLY A 269 -20.94 -20.02 28.77
C GLY A 269 -22.44 -20.29 28.63
N GLN A 270 -22.86 -21.53 28.89
CA GLN A 270 -24.28 -21.98 28.88
C GLN A 270 -25.04 -21.80 30.20
N ARG A 271 -24.34 -21.41 31.27
CA ARG A 271 -24.96 -21.21 32.59
C ARG A 271 -25.88 -20.00 32.51
N GLN A 272 -26.97 -20.03 33.27
CA GLN A 272 -27.97 -18.94 33.25
C GLN A 272 -27.35 -17.61 33.61
N GLU A 273 -26.49 -17.64 34.63
CA GLU A 273 -25.73 -16.44 35.13
C GLU A 273 -24.90 -15.74 34.05
N ASN A 274 -24.38 -16.54 33.09
CA ASN A 274 -23.51 -16.06 31.99
C ASN A 274 -24.17 -15.94 30.59
N LYS A 275 -25.46 -16.22 30.48
CA LYS A 275 -26.18 -16.18 29.17
C LYS A 275 -26.11 -14.79 28.49
N ASN A 276 -26.49 -13.74 29.23
N ASN A 276 -26.49 -13.74 29.23
CA ASN A 276 -26.44 -12.36 28.71
CA ASN A 276 -26.44 -12.36 28.73
C ASN A 276 -25.04 -11.71 28.60
C ASN A 276 -25.03 -11.72 28.59
N LYS A 277 -23.98 -12.44 29.01
CA LYS A 277 -22.56 -12.01 28.83
C LYS A 277 -21.93 -12.44 27.48
N ASN A 278 -22.71 -13.09 26.62
CA ASN A 278 -22.27 -13.54 25.30
C ASN A 278 -23.01 -12.76 24.23
N ARG A 279 -22.26 -12.25 23.27
CA ARG A 279 -22.83 -11.49 22.14
C ARG A 279 -23.68 -12.40 21.25
N TYR A 280 -23.12 -13.58 21.00
CA TYR A 280 -23.76 -14.65 20.25
C TYR A 280 -23.95 -15.84 21.22
N LYS A 281 -25.20 -16.15 21.52
CA LYS A 281 -25.65 -17.17 22.51
C LYS A 281 -24.91 -18.51 22.50
N ASN A 282 -24.63 -19.01 21.30
CA ASN A 282 -24.04 -20.34 21.05
C ASN A 282 -22.58 -20.32 20.57
N ILE A 283 -21.95 -19.13 20.49
CA ILE A 283 -20.53 -19.04 20.18
C ILE A 283 -19.90 -18.81 21.54
N LEU A 284 -19.37 -19.90 22.12
CA LEU A 284 -18.92 -19.94 23.52
C LEU A 284 -17.46 -20.32 23.61
N PRO A 285 -16.77 -19.86 24.68
CA PRO A 285 -15.37 -20.21 24.90
C PRO A 285 -15.25 -21.61 25.51
N PHE A 286 -14.29 -22.41 25.03
CA PHE A 286 -13.99 -23.71 25.64
C PHE A 286 -13.60 -23.54 27.10
N ASP A 287 -14.04 -24.46 27.97
CA ASP A 287 -13.74 -24.37 29.42
C ASP A 287 -12.25 -24.43 29.77
N HIS A 288 -11.52 -25.29 29.05
CA HIS A 288 -10.13 -25.61 29.38
C HIS A 288 -9.11 -24.50 29.02
N THR A 289 -9.48 -23.56 28.15
CA THR A 289 -8.65 -22.40 27.75
C THR A 289 -9.20 -21.01 28.12
N ARG A 290 -10.42 -20.96 28.67
CA ARG A 290 -11.10 -19.71 28.88
C ARG A 290 -10.35 -18.87 29.89
N VAL A 291 -10.54 -17.55 29.77
CA VAL A 291 -9.95 -16.62 30.69
C VAL A 291 -10.87 -16.63 31.90
N VAL A 292 -10.33 -16.96 33.06
CA VAL A 292 -11.09 -17.00 34.29
C VAL A 292 -10.72 -15.71 35.03
N LEU A 293 -11.71 -14.89 35.31
CA LEU A 293 -11.52 -13.65 36.07
C LEU A 293 -11.53 -13.94 37.58
N HIS A 294 -10.58 -13.33 38.31
CA HIS A 294 -10.40 -13.43 39.75
C HIS A 294 -10.44 -12.00 40.28
N PRO A 301 -22.15 -12.99 42.02
CA PRO A 301 -22.62 -14.36 42.16
C PRO A 301 -21.88 -15.38 41.26
N VAL A 302 -21.75 -15.09 39.96
CA VAL A 302 -20.85 -15.83 39.07
C VAL A 302 -20.01 -14.80 38.28
N SER A 303 -19.08 -14.16 39.00
CA SER A 303 -18.29 -13.04 38.48
C SER A 303 -17.02 -13.41 37.70
N ASP A 304 -16.70 -14.71 37.60
CA ASP A 304 -15.46 -15.20 36.94
C ASP A 304 -15.49 -15.38 35.39
N TYR A 305 -16.62 -15.13 34.74
CA TYR A 305 -16.80 -15.42 33.31
C TYR A 305 -16.52 -14.23 32.40
N ILE A 306 -15.85 -14.53 31.29
CA ILE A 306 -15.79 -13.67 30.10
C ILE A 306 -15.68 -14.55 28.83
N ASN A 307 -16.33 -14.13 27.75
CA ASN A 307 -16.28 -14.85 26.47
C ASN A 307 -14.93 -14.52 25.84
N ALA A 308 -13.93 -15.30 26.27
CA ALA A 308 -12.53 -15.08 25.93
C ALA A 308 -11.73 -16.37 26.16
N ASN A 309 -10.65 -16.52 25.39
CA ASN A 309 -9.79 -17.72 25.45
C ASN A 309 -8.34 -17.35 25.28
N ILE A 310 -7.45 -17.97 26.08
CA ILE A 310 -6.00 -17.86 25.90
C ILE A 310 -5.64 -18.75 24.70
N ILE A 311 -4.93 -18.16 23.73
CA ILE A 311 -4.33 -18.85 22.58
C ILE A 311 -2.80 -18.88 22.77
N MET A 312 -2.27 -20.05 23.13
CA MET A 312 -0.84 -20.31 23.14
C MET A 312 -0.45 -21.09 21.87
N PRO A 313 0.54 -20.59 21.09
CA PRO A 313 1.11 -21.43 20.01
C PRO A 313 1.89 -22.66 20.52
N GLU A 314 1.95 -23.70 19.67
CA GLU A 314 2.75 -24.92 19.90
C GLU A 314 3.42 -25.34 18.61
N LYS A 325 8.42 -16.63 23.78
CA LYS A 325 7.28 -17.04 22.94
C LYS A 325 5.97 -16.31 23.33
N LYS A 326 5.35 -15.64 22.35
CA LYS A 326 4.19 -14.75 22.56
C LYS A 326 2.86 -15.52 22.54
N SER A 327 1.89 -14.99 23.26
CA SER A 327 0.52 -15.54 23.37
C SER A 327 -0.53 -14.43 23.18
N TYR A 328 -1.79 -14.86 23.02
CA TYR A 328 -2.94 -14.03 22.62
C TYR A 328 -4.19 -14.35 23.46
N ILE A 329 -5.13 -13.42 23.48
CA ILE A 329 -6.48 -13.67 24.03
C ILE A 329 -7.43 -13.33 22.90
N ALA A 330 -8.16 -14.35 22.40
CA ALA A 330 -9.19 -14.16 21.38
C ALA A 330 -10.50 -13.96 22.10
N THR A 331 -11.18 -12.85 21.84
CA THR A 331 -12.45 -12.51 22.50
C THR A 331 -13.43 -11.83 21.53
N GLN A 332 -14.68 -11.73 21.96
CA GLN A 332 -15.74 -11.00 21.25
C GLN A 332 -15.58 -9.49 21.35
N GLY A 333 -16.31 -8.77 20.50
CA GLY A 333 -16.53 -7.34 20.66
C GLY A 333 -17.44 -7.12 21.87
N CYS A 334 -17.15 -6.08 22.64
CA CYS A 334 -17.87 -5.82 23.91
C CYS A 334 -19.37 -5.60 23.74
N LEU A 335 -20.13 -6.09 24.72
CA LEU A 335 -21.50 -5.71 24.96
C LEU A 335 -21.45 -4.63 26.01
N GLN A 336 -22.53 -3.84 26.12
CA GLN A 336 -22.65 -2.82 27.18
C GLN A 336 -22.39 -3.45 28.55
N ASN A 337 -23.05 -4.57 28.83
CA ASN A 337 -22.93 -5.26 30.12
C ASN A 337 -21.63 -6.04 30.42
N THR A 338 -20.64 -6.07 29.51
CA THR A 338 -19.34 -6.74 29.75
C THR A 338 -18.07 -5.86 29.64
N VAL A 339 -18.23 -4.54 29.54
CA VAL A 339 -17.09 -3.61 29.43
C VAL A 339 -16.23 -3.64 30.70
N ASN A 340 -16.87 -3.64 31.87
CA ASN A 340 -16.14 -3.76 33.15
C ASN A 340 -15.32 -5.07 33.22
N ASP A 341 -15.92 -6.17 32.76
CA ASP A 341 -15.24 -7.47 32.70
C ASP A 341 -14.06 -7.48 31.74
N PHE A 342 -14.22 -6.89 30.55
CA PHE A 342 -13.12 -6.76 29.58
C PHE A 342 -11.92 -6.05 30.19
N TRP A 343 -12.14 -4.96 30.94
CA TRP A 343 -11.01 -4.22 31.57
C TRP A 343 -10.35 -4.97 32.73
N ARG A 344 -11.15 -5.67 33.53
CA ARG A 344 -10.63 -6.60 34.54
C ARG A 344 -9.74 -7.71 33.94
N MET A 345 -10.15 -8.23 32.78
CA MET A 345 -9.36 -9.23 32.02
C MET A 345 -8.01 -8.69 31.59
N VAL A 346 -8.05 -7.51 30.96
CA VAL A 346 -6.85 -6.82 30.50
C VAL A 346 -5.90 -6.58 31.68
N PHE A 347 -6.43 -6.09 32.80
CA PHE A 347 -5.65 -5.84 34.01
C PHE A 347 -5.04 -7.10 34.59
N GLN A 348 -5.90 -8.11 34.80
CA GLN A 348 -5.48 -9.40 35.38
C GLN A 348 -4.37 -10.08 34.58
N GLU A 349 -4.56 -10.12 33.27
CA GLU A 349 -3.63 -10.77 32.36
C GLU A 349 -2.37 -9.97 32.02
N ASN A 350 -2.24 -8.73 32.51
CA ASN A 350 -1.12 -7.83 32.23
C ASN A 350 -0.93 -7.53 30.72
N SER A 351 -2.05 -7.55 29.98
CA SER A 351 -2.07 -7.28 28.55
C SER A 351 -1.80 -5.80 28.33
N ARG A 352 -0.83 -5.53 27.45
CA ARG A 352 -0.42 -4.19 27.08
C ARG A 352 -0.79 -3.77 25.65
N VAL A 353 -1.28 -4.72 24.84
CA VAL A 353 -1.66 -4.44 23.43
C VAL A 353 -3.03 -5.05 23.14
N ILE A 354 -3.90 -4.24 22.52
CA ILE A 354 -5.24 -4.62 22.12
C ILE A 354 -5.31 -4.39 20.61
N VAL A 355 -5.73 -5.43 19.89
CA VAL A 355 -5.91 -5.39 18.44
C VAL A 355 -7.41 -5.51 18.23
N MET A 356 -8.03 -4.42 17.77
CA MET A 356 -9.45 -4.38 17.43
C MET A 356 -9.52 -4.34 15.92
N THR A 357 -10.30 -5.24 15.32
CA THR A 357 -10.23 -5.51 13.87
C THR A 357 -11.55 -5.27 13.14
N THR A 358 -12.40 -4.38 13.68
CA THR A 358 -13.64 -3.97 13.01
C THR A 358 -13.91 -2.48 13.17
N LYS A 359 -14.35 -1.84 12.08
CA LYS A 359 -14.62 -0.40 12.03
C LYS A 359 -15.91 -0.10 12.78
N GLY A 364 -23.29 -2.61 7.93
CA GLY A 364 -24.08 -1.61 8.64
C GLY A 364 -24.77 -2.11 9.89
N LYS A 365 -23.97 -2.69 10.80
CA LYS A 365 -24.41 -3.25 12.09
C LYS A 365 -23.42 -2.95 13.22
N SER A 366 -23.90 -3.00 14.46
CA SER A 366 -23.08 -2.78 15.67
C SER A 366 -22.31 -4.07 16.05
N LYS A 367 -21.10 -4.22 15.51
CA LYS A 367 -20.19 -5.33 15.85
C LYS A 367 -19.52 -5.21 17.23
N CYS A 368 -19.34 -3.98 17.73
CA CYS A 368 -18.70 -3.70 19.04
C CYS A 368 -19.25 -2.39 19.67
N VAL A 369 -19.39 -2.41 21.00
CA VAL A 369 -19.69 -1.21 21.80
C VAL A 369 -18.34 -0.50 22.14
N LYS A 370 -18.35 0.84 22.08
CA LYS A 370 -17.15 1.66 22.40
C LYS A 370 -16.82 1.55 23.89
N TYR A 371 -15.72 0.86 24.17
CA TYR A 371 -15.28 0.52 25.54
C TYR A 371 -14.12 1.37 26.07
N TRP A 372 -13.69 2.38 25.30
CA TRP A 372 -12.55 3.22 25.62
C TRP A 372 -13.07 4.68 25.72
N PRO A 373 -12.43 5.51 26.58
CA PRO A 373 -12.83 6.93 26.63
C PRO A 373 -12.46 7.71 25.37
N ASP A 374 -13.10 8.87 25.20
CA ASP A 374 -12.72 9.85 24.17
C ASP A 374 -11.32 10.38 24.41
N GLU A 375 -10.67 10.91 23.37
CA GLU A 375 -9.29 11.43 23.48
C GLU A 375 -9.19 12.45 24.61
N TYR A 376 -8.20 12.25 25.49
CA TYR A 376 -7.92 13.09 26.67
C TYR A 376 -8.86 12.90 27.87
N ALA A 377 -9.89 12.07 27.74
CA ALA A 377 -10.90 11.92 28.77
C ALA A 377 -10.53 10.74 29.66
N LEU A 378 -11.01 10.81 30.89
CA LEU A 378 -10.86 9.75 31.89
C LEU A 378 -12.24 9.14 32.20
N LYS A 379 -12.28 7.82 32.32
CA LYS A 379 -13.50 7.06 32.69
C LYS A 379 -13.15 6.00 33.71
N GLU A 380 -14.13 5.70 34.56
CA GLU A 380 -14.13 4.54 35.45
C GLU A 380 -15.12 3.50 34.94
N TYR A 381 -14.63 2.29 34.72
CA TYR A 381 -15.39 1.12 34.29
C TYR A 381 -15.35 0.15 35.47
N GLY A 382 -16.33 0.27 36.35
CA GLY A 382 -16.34 -0.40 37.65
C GLY A 382 -15.13 -0.02 38.49
N VAL A 383 -14.38 -1.03 38.95
CA VAL A 383 -13.12 -0.83 39.72
C VAL A 383 -11.90 -0.34 38.92
N MET A 384 -12.00 -0.33 37.59
CA MET A 384 -10.91 0.00 36.69
C MET A 384 -11.08 1.42 36.17
N ARG A 385 -9.96 2.04 35.85
CA ARG A 385 -9.90 3.45 35.43
C ARG A 385 -9.04 3.55 34.17
N VAL A 386 -9.56 4.20 33.12
CA VAL A 386 -8.88 4.29 31.82
C VAL A 386 -8.87 5.74 31.35
N ARG A 387 -7.66 6.29 31.20
CA ARG A 387 -7.43 7.56 30.50
C ARG A 387 -7.04 7.26 29.06
N ASN A 388 -7.58 8.04 28.12
CA ASN A 388 -7.11 8.07 26.75
C ASN A 388 -6.11 9.23 26.66
N VAL A 389 -4.82 8.90 26.68
CA VAL A 389 -3.74 9.89 26.68
C VAL A 389 -3.63 10.59 25.32
N LYS A 390 -3.64 9.81 24.25
CA LYS A 390 -3.50 10.34 22.89
C LYS A 390 -3.94 9.31 21.84
N GLU A 391 -4.55 9.79 20.76
CA GLU A 391 -4.88 9.03 19.57
C GLU A 391 -3.99 9.49 18.39
N SER A 392 -3.59 8.52 17.56
CA SER A 392 -2.70 8.74 16.39
C SER A 392 -3.29 8.00 15.19
N ALA A 393 -3.50 8.70 14.07
CA ALA A 393 -4.02 8.11 12.83
C ALA A 393 -2.88 7.72 11.89
N ALA A 394 -2.75 6.42 11.62
CA ALA A 394 -2.08 5.91 10.41
C ALA A 394 -3.17 5.67 9.36
N HIS A 395 -2.76 5.25 8.16
CA HIS A 395 -3.73 5.06 7.05
C HIS A 395 -4.69 3.91 7.32
N ASP A 396 -4.11 2.75 7.66
CA ASP A 396 -4.90 1.53 7.92
C ASP A 396 -5.51 1.41 9.32
N TYR A 397 -4.98 2.17 10.30
CA TYR A 397 -5.37 2.02 11.72
C TYR A 397 -5.28 3.31 12.53
N THR A 398 -6.00 3.31 13.66
CA THR A 398 -5.86 4.33 14.71
C THR A 398 -5.22 3.66 15.94
N LEU A 399 -4.18 4.29 16.48
CA LEU A 399 -3.57 3.93 17.75
C LEU A 399 -4.13 4.83 18.87
N ARG A 400 -4.63 4.24 19.96
CA ARG A 400 -5.04 4.94 21.19
C ARG A 400 -4.13 4.54 22.34
N GLU A 401 -3.38 5.51 22.89
CA GLU A 401 -2.58 5.30 24.10
C GLU A 401 -3.51 5.42 25.31
N LEU A 402 -3.66 4.32 26.05
CA LEU A 402 -4.56 4.21 27.19
C LEU A 402 -3.76 3.91 28.43
N LYS A 403 -4.05 4.60 29.54
CA LYS A 403 -3.44 4.31 30.85
C LYS A 403 -4.47 3.61 31.72
N LEU A 404 -4.27 2.31 31.96
CA LEU A 404 -5.16 1.49 32.78
C LEU A 404 -4.63 1.39 34.22
N SER A 405 -5.50 1.64 35.21
CA SER A 405 -5.19 1.38 36.61
C SER A 405 -6.43 0.94 37.38
N LYS A 406 -6.18 0.34 38.55
CA LYS A 406 -7.24 -0.03 39.47
C LYS A 406 -7.54 1.15 40.39
N VAL A 407 -8.84 1.45 40.57
CA VAL A 407 -9.29 2.58 41.39
C VAL A 407 -8.82 2.40 42.85
N GLY A 408 -8.21 3.46 43.40
CA GLY A 408 -7.63 3.45 44.74
C GLY A 408 -6.16 3.12 44.83
N GLN A 409 -5.53 2.70 43.73
CA GLN A 409 -4.14 2.25 43.69
C GLN A 409 -3.42 2.89 42.50
N GLY A 410 -2.62 3.92 42.77
CA GLY A 410 -1.84 4.63 41.73
C GLY A 410 -0.70 3.82 41.14
N ASN A 411 0.00 3.09 42.01
CA ASN A 411 1.05 2.11 41.62
C ASN A 411 0.68 1.02 40.61
N THR A 412 -0.61 0.72 40.47
CA THR A 412 -1.11 -0.26 39.48
C THR A 412 -1.19 0.20 38.00
N GLU A 413 -0.85 1.44 37.71
CA GLU A 413 -0.96 1.97 36.35
C GLU A 413 0.01 1.32 35.36
N ARG A 414 -0.45 1.17 34.12
CA ARG A 414 0.37 0.74 32.98
C ARG A 414 -0.27 1.23 31.69
N THR A 415 0.54 1.33 30.63
CA THR A 415 0.05 1.75 29.32
C THR A 415 -0.42 0.55 28.50
N VAL A 416 -1.66 0.65 28.01
CA VAL A 416 -2.25 -0.28 27.05
C VAL A 416 -2.40 0.46 25.72
N TRP A 417 -1.85 -0.13 24.67
CA TRP A 417 -1.79 0.45 23.34
C TRP A 417 -2.86 -0.24 22.51
N GLN A 418 -3.92 0.48 22.19
CA GLN A 418 -5.06 -0.03 21.43
C GLN A 418 -4.91 0.29 19.94
N TYR A 419 -4.67 -0.76 19.14
CA TYR A 419 -4.53 -0.67 17.68
C TYR A 419 -5.88 -1.03 17.06
N HIS A 420 -6.59 -0.02 16.60
CA HIS A 420 -7.86 -0.20 15.91
C HIS A 420 -7.62 -0.26 14.39
N PHE A 421 -7.63 -1.49 13.82
CA PHE A 421 -7.59 -1.69 12.36
C PHE A 421 -8.93 -1.27 11.72
N ARG A 422 -8.85 -0.35 10.75
CA ARG A 422 -10.03 0.28 10.14
C ARG A 422 -10.31 -0.03 8.66
N THR A 423 -9.33 -0.52 7.92
CA THR A 423 -9.46 -0.74 6.46
C THR A 423 -9.85 -2.18 6.03
N TRP A 424 -10.38 -3.01 6.94
CA TRP A 424 -10.86 -4.36 6.57
C TRP A 424 -12.19 -4.18 5.82
N PRO A 425 -12.35 -4.79 4.62
CA PRO A 425 -13.54 -4.51 3.81
C PRO A 425 -14.81 -5.13 4.38
N ASP A 426 -15.95 -4.52 4.09
CA ASP A 426 -17.26 -4.99 4.63
C ASP A 426 -17.59 -6.42 4.21
N HIS A 427 -17.32 -6.75 2.93
CA HIS A 427 -17.46 -8.09 2.36
C HIS A 427 -16.07 -8.65 2.00
N GLY A 428 -15.79 -9.89 2.42
CA GLY A 428 -14.58 -10.62 2.04
C GLY A 428 -13.34 -10.30 2.89
N VAL A 429 -12.17 -10.40 2.25
CA VAL A 429 -10.85 -10.13 2.87
C VAL A 429 -10.11 -9.00 2.11
N PRO A 430 -9.03 -8.42 2.71
CA PRO A 430 -8.21 -7.46 1.94
C PRO A 430 -7.60 -8.09 0.68
N SER A 431 -7.68 -7.35 -0.44
CA SER A 431 -7.11 -7.81 -1.71
C SER A 431 -5.58 -7.78 -1.72
N ASP A 432 -5.00 -6.87 -0.94
CA ASP A 432 -3.56 -6.82 -0.68
C ASP A 432 -3.36 -7.01 0.83
N PRO A 433 -2.41 -7.89 1.22
CA PRO A 433 -2.08 -8.08 2.66
C PRO A 433 -1.04 -7.10 3.27
N GLY A 434 -0.50 -6.15 2.50
CA GLY A 434 0.51 -5.19 2.98
C GLY A 434 0.10 -4.42 4.23
N GLY A 435 -1.17 -4.02 4.27
CA GLY A 435 -1.75 -3.26 5.38
C GLY A 435 -1.79 -4.04 6.66
N VAL A 436 -2.31 -5.26 6.59
CA VAL A 436 -2.35 -6.17 7.75
C VAL A 436 -0.94 -6.50 8.25
N LEU A 437 0.00 -6.73 7.33
CA LEU A 437 1.38 -7.11 7.67
C LEU A 437 2.13 -5.98 8.36
N ASP A 438 2.07 -4.78 7.77
CA ASP A 438 2.62 -3.55 8.36
C ASP A 438 2.03 -3.28 9.74
N PHE A 439 0.71 -3.43 9.84
CA PHE A 439 -0.05 -3.32 11.11
C PHE A 439 0.45 -4.28 12.18
N LEU A 440 0.50 -5.56 11.82
CA LEU A 440 1.02 -6.61 12.72
C LEU A 440 2.48 -6.47 13.09
N GLU A 441 3.29 -5.95 12.15
CA GLU A 441 4.72 -5.65 12.39
C GLU A 441 4.88 -4.58 13.47
N GLU A 442 4.10 -3.52 13.34
CA GLU A 442 4.05 -2.46 14.35
C GLU A 442 3.55 -2.95 15.72
N VAL A 443 2.44 -3.67 15.70
CA VAL A 443 1.86 -4.34 16.88
C VAL A 443 2.88 -5.26 17.59
N HIS A 444 3.65 -6.00 16.78
CA HIS A 444 4.67 -6.90 17.29
C HIS A 444 5.80 -6.15 17.97
N HIS A 445 6.32 -5.15 17.30
CA HIS A 445 7.42 -4.32 17.83
C HIS A 445 7.02 -3.56 19.09
N LYS A 446 5.76 -3.14 19.18
CA LYS A 446 5.22 -2.59 20.42
C LYS A 446 5.25 -3.60 21.58
N GLN A 447 4.65 -4.77 21.38
CA GLN A 447 4.66 -5.89 22.38
C GLN A 447 6.08 -6.27 22.84
N GLU A 448 7.00 -6.31 21.88
CA GLU A 448 8.39 -6.69 22.14
C GLU A 448 9.16 -5.63 22.92
N SER A 449 8.79 -4.35 22.73
CA SER A 449 9.39 -3.24 23.49
C SER A 449 9.02 -3.21 24.98
N ILE A 450 7.90 -3.86 25.36
CA ILE A 450 7.37 -3.85 26.73
C ILE A 450 7.80 -5.13 27.46
N MET A 451 8.62 -4.97 28.51
CA MET A 451 9.15 -6.08 29.30
C MET A 451 8.05 -6.79 30.14
N ASP A 452 8.02 -8.12 30.04
CA ASP A 452 7.07 -8.99 30.76
C ASP A 452 5.59 -8.62 30.52
N ALA A 453 5.30 -8.24 29.28
CA ALA A 453 3.94 -7.89 28.85
C ALA A 453 3.10 -9.16 28.74
N GLY A 454 1.82 -9.05 29.09
CA GLY A 454 0.90 -10.18 28.99
C GLY A 454 0.47 -10.49 27.57
N PRO A 455 -0.48 -11.41 27.37
CA PRO A 455 -0.98 -11.72 26.05
C PRO A 455 -1.61 -10.55 25.31
N VAL A 456 -1.44 -10.57 24.00
CA VAL A 456 -2.03 -9.60 23.10
C VAL A 456 -3.52 -9.90 23.03
N VAL A 457 -4.36 -8.95 23.46
CA VAL A 457 -5.81 -9.05 23.29
C VAL A 457 -6.14 -8.75 21.83
N VAL A 458 -6.97 -9.62 21.23
CA VAL A 458 -7.38 -9.54 19.83
C VAL A 458 -8.90 -9.75 19.78
N HIS A 459 -9.64 -8.85 19.14
CA HIS A 459 -11.11 -9.04 18.93
C HIS A 459 -11.70 -8.48 17.64
N CYS A 460 -12.88 -9.00 17.33
CA CYS A 460 -13.68 -8.62 16.15
C CYS A 460 -15.16 -8.67 16.60
N SER A 461 -16.10 -9.22 15.81
CA SER A 461 -17.49 -9.38 16.28
C SER A 461 -17.57 -10.58 17.21
N ALA A 462 -17.57 -11.79 16.65
CA ALA A 462 -17.67 -13.04 17.42
C ALA A 462 -16.37 -13.46 18.10
N GLY A 463 -15.23 -12.99 17.60
CA GLY A 463 -13.90 -13.33 18.14
C GLY A 463 -13.23 -14.56 17.51
N ILE A 464 -13.66 -14.91 16.28
CA ILE A 464 -13.28 -16.19 15.62
C ILE A 464 -12.82 -16.03 14.14
N GLY A 465 -13.49 -15.21 13.33
CA GLY A 465 -13.13 -15.01 11.93
C GLY A 465 -11.87 -14.20 11.72
N ARG A 466 -12.04 -12.88 11.82
CA ARG A 466 -10.93 -11.93 11.67
C ARG A 466 -9.91 -12.13 12.78
N THR A 467 -10.40 -12.24 14.01
CA THR A 467 -9.55 -12.52 15.19
C THR A 467 -8.62 -13.73 14.96
N GLY A 468 -9.18 -14.79 14.38
CA GLY A 468 -8.43 -16.01 14.08
C GLY A 468 -7.46 -15.86 12.93
N THR A 469 -7.91 -15.16 11.89
CA THR A 469 -7.09 -14.84 10.71
C THR A 469 -5.86 -13.96 11.09
N PHE A 470 -6.08 -12.89 11.86
CA PHE A 470 -4.97 -12.08 12.42
C PHE A 470 -4.00 -12.91 13.27
N ILE A 471 -4.51 -13.62 14.29
CA ILE A 471 -3.65 -14.40 15.22
C ILE A 471 -2.77 -15.42 14.48
N VAL A 472 -3.37 -16.12 13.51
CA VAL A 472 -2.66 -17.15 12.74
C VAL A 472 -1.60 -16.53 11.83
N ILE A 473 -1.93 -15.45 11.13
CA ILE A 473 -0.94 -14.69 10.37
C ILE A 473 0.21 -14.30 11.30
N ASP A 474 -0.11 -13.77 12.46
CA ASP A 474 0.88 -13.36 13.47
C ASP A 474 1.74 -14.50 13.98
N ILE A 475 1.15 -15.67 14.19
CA ILE A 475 1.93 -16.86 14.56
C ILE A 475 2.92 -17.23 13.46
N LEU A 476 2.45 -17.30 12.21
CA LEU A 476 3.28 -17.74 11.07
C LEU A 476 4.39 -16.77 10.71
N ILE A 477 4.09 -15.47 10.78
CA ILE A 477 5.09 -14.41 10.57
C ILE A 477 6.16 -14.39 11.68
N ASP A 478 5.77 -14.61 12.94
N ASP A 478 5.75 -14.60 12.95
CA ASP A 478 6.74 -14.65 14.05
CA ASP A 478 6.66 -14.70 14.11
C ASP A 478 7.74 -15.81 13.94
C ASP A 478 7.72 -15.80 13.94
N ILE A 479 7.31 -16.93 13.36
CA ILE A 479 8.22 -18.07 13.03
C ILE A 479 9.30 -17.61 12.05
N ILE A 480 8.85 -17.01 10.95
CA ILE A 480 9.75 -16.53 9.88
C ILE A 480 10.67 -15.42 10.39
N ARG A 481 10.14 -14.53 11.22
CA ARG A 481 10.91 -13.42 11.82
C ARG A 481 12.06 -13.90 12.71
N GLU A 482 11.77 -14.83 13.62
CA GLU A 482 12.78 -15.37 14.55
C GLU A 482 13.76 -16.26 13.80
N LYS A 483 13.27 -17.36 13.22
CA LYS A 483 14.11 -18.41 12.61
C LYS A 483 14.47 -18.22 11.11
N GLY A 484 14.01 -17.12 10.47
CA GLY A 484 14.38 -16.84 9.07
C GLY A 484 13.60 -17.65 8.05
N VAL A 485 13.93 -17.47 6.77
CA VAL A 485 13.27 -18.15 5.65
C VAL A 485 13.49 -19.69 5.62
N ASP A 486 14.65 -20.12 6.11
CA ASP A 486 14.95 -21.55 6.31
C ASP A 486 14.30 -22.06 7.60
N CYS A 487 13.01 -22.36 7.49
CA CYS A 487 12.27 -23.08 8.54
C CYS A 487 10.92 -23.57 8.00
N ASP A 488 10.45 -24.68 8.57
CA ASP A 488 9.19 -25.30 8.15
C ASP A 488 8.00 -24.55 8.75
N ILE A 489 6.94 -24.38 7.96
CA ILE A 489 5.65 -23.90 8.44
C ILE A 489 4.50 -24.73 7.86
N ASP A 490 3.42 -24.87 8.63
CA ASP A 490 2.29 -25.73 8.27
C ASP A 490 1.01 -24.96 8.57
N VAL A 491 0.36 -24.47 7.52
CA VAL A 491 -0.76 -23.54 7.67
C VAL A 491 -1.98 -24.21 8.35
N PRO A 492 -2.54 -25.29 7.77
CA PRO A 492 -3.72 -25.90 8.40
C PRO A 492 -3.46 -26.55 9.77
N LYS A 493 -2.26 -27.10 9.97
CA LYS A 493 -1.84 -27.56 11.31
C LYS A 493 -1.83 -26.43 12.35
N THR A 494 -1.33 -25.26 11.98
CA THR A 494 -1.30 -24.11 12.88
C THR A 494 -2.73 -23.67 13.20
N ILE A 495 -3.62 -23.66 12.19
CA ILE A 495 -5.05 -23.32 12.40
C ILE A 495 -5.71 -24.32 13.33
N GLN A 496 -5.52 -25.63 13.09
CA GLN A 496 -6.13 -26.68 13.94
C GLN A 496 -5.71 -26.59 15.41
N MET A 497 -4.43 -26.31 15.62
CA MET A 497 -3.87 -26.04 16.95
C MET A 497 -4.53 -24.83 17.64
N VAL A 498 -4.82 -23.79 16.86
CA VAL A 498 -5.58 -22.60 17.34
C VAL A 498 -7.08 -22.90 17.52
N ARG A 499 -7.67 -23.65 16.58
CA ARG A 499 -9.06 -24.07 16.66
C ARG A 499 -9.39 -24.96 17.88
N SER A 500 -8.37 -25.66 18.41
CA SER A 500 -8.50 -26.44 19.65
C SER A 500 -8.52 -25.60 20.95
N GLN A 501 -8.24 -24.31 20.84
CA GLN A 501 -8.19 -23.38 21.95
C GLN A 501 -9.31 -22.37 21.94
N ARG A 502 -9.83 -21.99 20.76
CA ARG A 502 -11.16 -21.35 20.67
C ARG A 502 -11.89 -21.84 19.42
N SER A 503 -13.22 -22.00 19.55
CA SER A 503 -14.04 -22.61 18.50
C SER A 503 -13.99 -21.81 17.18
N GLY A 504 -13.82 -22.51 16.07
CA GLY A 504 -13.97 -21.93 14.74
C GLY A 504 -13.03 -20.80 14.36
N MET A 505 -11.83 -20.81 14.93
CA MET A 505 -10.82 -19.81 14.58
C MET A 505 -10.42 -20.00 13.11
N VAL A 506 -10.56 -18.91 12.34
CA VAL A 506 -10.56 -18.88 10.86
C VAL A 506 -11.88 -19.46 10.33
N GLN A 507 -12.66 -18.60 9.68
CA GLN A 507 -14.05 -18.90 9.33
C GLN A 507 -14.27 -19.33 7.88
N THR A 508 -13.57 -18.73 6.92
CA THR A 508 -13.83 -18.97 5.49
C THR A 508 -12.60 -19.41 4.70
N GLU A 509 -12.86 -19.88 3.47
CA GLU A 509 -11.81 -20.24 2.52
C GLU A 509 -11.02 -18.99 2.07
N ALA A 510 -11.71 -17.84 1.98
CA ALA A 510 -11.09 -16.56 1.58
C ALA A 510 -10.05 -16.11 2.61
N GLN A 511 -10.40 -16.23 3.88
CA GLN A 511 -9.47 -16.00 4.99
C GLN A 511 -8.32 -17.02 5.02
N TYR A 512 -8.63 -18.29 4.75
CA TYR A 512 -7.61 -19.35 4.58
C TYR A 512 -6.61 -18.98 3.48
N ARG A 513 -7.11 -18.72 2.27
CA ARG A 513 -6.33 -18.15 1.15
C ARG A 513 -5.50 -16.90 1.52
N PHE A 514 -6.13 -15.99 2.24
CA PHE A 514 -5.52 -14.72 2.67
C PHE A 514 -4.34 -14.91 3.62
N ILE A 515 -4.43 -15.91 4.51
CA ILE A 515 -3.32 -16.24 5.42
C ILE A 515 -2.08 -16.64 4.60
N TYR A 516 -2.26 -17.56 3.64
CA TYR A 516 -1.21 -17.96 2.67
C TYR A 516 -0.59 -16.77 1.94
N MET A 517 -1.46 -15.94 1.35
CA MET A 517 -1.09 -14.72 0.60
C MET A 517 -0.35 -13.68 1.48
N ALA A 518 -0.73 -13.60 2.76
CA ALA A 518 -0.06 -12.74 3.72
C ALA A 518 1.33 -13.23 4.07
N VAL A 519 1.47 -14.53 4.33
CA VAL A 519 2.75 -15.18 4.63
C VAL A 519 3.70 -15.12 3.42
N GLN A 520 3.16 -15.34 2.21
CA GLN A 520 3.89 -15.17 0.93
C GLN A 520 4.45 -13.76 0.74
N HIS A 521 3.57 -12.76 0.89
CA HIS A 521 3.92 -11.33 0.74
C HIS A 521 5.02 -10.89 1.72
N TYR A 522 4.94 -11.37 2.96
CA TYR A 522 5.97 -11.14 3.98
C TYR A 522 7.34 -11.70 3.63
N ILE A 523 7.38 -12.91 3.08
CA ILE A 523 8.63 -13.56 2.63
C ILE A 523 9.24 -12.86 1.40
N GLU A 524 8.39 -12.44 0.46
CA GLU A 524 8.81 -11.64 -0.70
C GLU A 524 9.40 -10.28 -0.30
N THR A 525 8.74 -9.59 0.63
CA THR A 525 9.21 -8.31 1.21
C THR A 525 10.07 -8.56 2.46
N LEU A 526 11.28 -9.07 2.23
CA LEU A 526 12.18 -9.56 3.30
C LEU A 526 13.65 -9.37 2.94
N ARG B 5 12.72 37.75 -7.40
CA ARG B 5 13.19 36.73 -6.38
C ARG B 5 14.52 37.12 -5.69
N ARG B 6 14.72 38.42 -5.47
CA ARG B 6 16.01 38.95 -4.94
C ARG B 6 16.18 38.67 -3.43
N TRP B 7 15.06 38.48 -2.74
CA TRP B 7 15.01 37.95 -1.37
C TRP B 7 15.71 36.59 -1.14
N PHE B 8 15.98 35.81 -2.19
CA PHE B 8 16.75 34.55 -2.06
C PHE B 8 18.26 34.79 -2.19
N HIS B 9 18.98 34.55 -1.09
CA HIS B 9 20.45 34.68 -1.00
C HIS B 9 21.09 33.28 -1.02
N PRO B 10 21.66 32.84 -2.17
CA PRO B 10 22.18 31.46 -2.28
C PRO B 10 23.51 31.11 -1.55
N ASN B 11 24.38 32.11 -1.32
CA ASN B 11 25.71 31.89 -0.72
C ASN B 11 25.87 32.24 0.75
N ILE B 12 24.86 32.84 1.38
CA ILE B 12 24.97 33.25 2.80
C ILE B 12 24.91 32.09 3.80
N THR B 13 25.63 32.25 4.90
CA THR B 13 25.47 31.46 6.12
C THR B 13 24.32 32.03 6.96
N GLY B 14 23.97 31.32 8.04
CA GLY B 14 22.98 31.78 9.02
C GLY B 14 23.39 32.97 9.87
N VAL B 15 24.70 33.09 10.17
CA VAL B 15 25.27 34.23 10.90
C VAL B 15 25.20 35.50 10.03
N GLU B 16 25.66 35.38 8.78
CA GLU B 16 25.52 36.42 7.75
C GLU B 16 24.07 36.86 7.54
N ALA B 17 23.13 35.91 7.52
CA ALA B 17 21.67 36.21 7.44
C ALA B 17 21.17 37.07 8.60
N GLU B 18 21.58 36.73 9.82
CA GLU B 18 21.18 37.48 11.03
C GLU B 18 21.76 38.89 11.04
N ASN B 19 23.07 38.97 10.92
N ASN B 19 23.08 38.96 10.91
CA ASN B 19 23.80 40.25 10.86
CA ASN B 19 23.85 40.21 10.80
C ASN B 19 23.32 41.18 9.74
C ASN B 19 23.31 41.17 9.74
N LEU B 20 22.96 40.62 8.58
CA LEU B 20 22.37 41.36 7.45
C LEU B 20 20.99 41.91 7.74
N LEU B 21 20.14 41.09 8.34
CA LEU B 21 18.79 41.54 8.80
C LEU B 21 18.83 42.57 9.94
N LEU B 22 19.75 42.39 10.89
CA LEU B 22 19.92 43.31 12.02
C LEU B 22 20.57 44.65 11.68
N THR B 23 21.47 44.70 10.67
CA THR B 23 22.13 45.93 10.23
C THR B 23 21.41 46.64 9.07
N ARG B 24 21.22 45.95 7.94
CA ARG B 24 20.61 46.52 6.72
C ARG B 24 19.08 46.28 6.59
N GLY B 25 18.40 45.86 7.67
CA GLY B 25 16.94 45.61 7.67
C GLY B 25 16.22 46.19 8.87
N VAL B 26 14.90 45.96 8.91
CA VAL B 26 13.98 46.42 10.00
C VAL B 26 12.99 45.29 10.39
N ASP B 27 12.09 45.55 11.36
CA ASP B 27 11.03 44.58 11.73
C ASP B 27 10.07 44.35 10.54
N GLY B 28 9.89 43.09 10.18
CA GLY B 28 9.19 42.66 8.96
C GLY B 28 10.09 42.33 7.78
N SER B 29 11.40 42.58 7.90
CA SER B 29 12.36 42.19 6.86
C SER B 29 12.62 40.71 6.88
N PHE B 30 12.86 40.17 5.69
CA PHE B 30 13.05 38.74 5.51
C PHE B 30 13.95 38.39 4.33
N LEU B 31 14.51 37.18 4.41
CA LEU B 31 15.23 36.55 3.31
C LEU B 31 15.10 35.03 3.40
N ALA B 32 15.29 34.37 2.27
CA ALA B 32 15.32 32.90 2.16
C ALA B 32 16.72 32.48 1.78
N ARG B 33 17.12 31.28 2.21
CA ARG B 33 18.53 30.85 2.08
C ARG B 33 18.69 29.33 2.22
N PRO B 34 19.62 28.71 1.47
CA PRO B 34 19.83 27.26 1.59
C PRO B 34 20.62 26.88 2.84
N SER B 35 20.52 25.61 3.25
CA SER B 35 21.39 25.02 4.29
C SER B 35 22.86 24.84 3.79
N ASN B 38 22.89 20.35 5.35
CA ASN B 38 22.00 19.37 4.72
C ASN B 38 21.33 19.96 3.46
N PRO B 39 22.03 19.89 2.29
CA PRO B 39 21.45 20.41 1.02
C PRO B 39 20.18 19.66 0.56
N GLY B 40 19.14 20.42 0.23
CA GLY B 40 17.75 19.94 0.24
C GLY B 40 16.89 20.83 1.15
N ASP B 41 17.46 21.24 2.29
CA ASP B 41 16.81 22.19 3.23
C ASP B 41 17.11 23.65 2.89
N PHE B 42 16.17 24.50 3.31
CA PHE B 42 16.23 25.97 3.19
C PHE B 42 15.75 26.58 4.50
N THR B 43 15.98 27.89 4.66
CA THR B 43 15.59 28.64 5.86
C THR B 43 14.95 29.96 5.43
N LEU B 44 13.81 30.29 6.03
CA LEU B 44 13.21 31.64 5.95
C LEU B 44 13.55 32.41 7.22
N SER B 45 14.55 33.30 7.13
CA SER B 45 15.00 34.16 8.24
C SER B 45 14.23 35.47 8.20
N VAL B 46 13.44 35.74 9.24
CA VAL B 46 12.56 36.92 9.33
C VAL B 46 12.92 37.72 10.60
N ARG B 47 12.84 39.06 10.49
CA ARG B 47 13.09 39.97 11.64
C ARG B 47 11.78 40.38 12.34
N ARG B 48 11.80 40.39 13.68
CA ARG B 48 10.67 40.86 14.50
C ARG B 48 11.09 41.24 15.94
N ASN B 49 10.65 42.42 16.39
CA ASN B 49 11.00 43.00 17.72
C ASN B 49 12.52 43.21 17.96
N GLY B 50 13.29 43.47 16.89
CA GLY B 50 14.75 43.52 16.96
C GLY B 50 15.42 42.18 17.22
N ALA B 51 14.92 41.14 16.55
CA ALA B 51 15.41 39.75 16.68
C ALA B 51 15.07 38.95 15.44
N VAL B 52 15.90 37.95 15.13
CA VAL B 52 15.78 37.17 13.88
C VAL B 52 15.23 35.77 14.22
N THR B 53 14.12 35.41 13.56
CA THR B 53 13.48 34.09 13.69
C THR B 53 13.69 33.32 12.39
N HIS B 54 14.26 32.12 12.52
CA HIS B 54 14.58 31.24 11.37
C HIS B 54 13.55 30.13 11.29
N ILE B 55 12.81 30.09 10.18
CA ILE B 55 11.79 29.07 9.91
C ILE B 55 12.37 28.07 8.89
N LYS B 56 12.47 26.80 9.29
CA LYS B 56 12.99 25.74 8.40
C LYS B 56 11.96 25.37 7.32
N ILE B 57 12.45 25.12 6.11
CA ILE B 57 11.67 24.62 4.98
C ILE B 57 12.40 23.40 4.41
N GLN B 58 11.76 22.24 4.46
CA GLN B 58 12.28 21.03 3.83
C GLN B 58 11.60 20.76 2.49
N ASN B 59 12.40 20.31 1.53
CA ASN B 59 11.92 19.70 0.31
C ASN B 59 12.64 18.37 0.14
N THR B 60 11.93 17.28 0.39
CA THR B 60 12.41 15.91 0.07
C THR B 60 12.16 15.46 -1.37
N GLY B 61 11.46 16.26 -2.18
CA GLY B 61 11.22 15.94 -3.58
C GLY B 61 9.83 16.15 -4.08
N ASP B 62 8.83 16.25 -3.19
CA ASP B 62 7.40 16.39 -3.57
C ASP B 62 6.87 17.83 -3.49
N TYR B 63 7.36 18.59 -2.51
CA TYR B 63 6.87 19.96 -2.21
C TYR B 63 7.80 20.62 -1.18
N TYR B 64 7.73 21.96 -1.09
CA TYR B 64 8.39 22.74 -0.03
C TYR B 64 7.45 22.71 1.18
N ASP B 65 7.91 22.13 2.29
CA ASP B 65 7.10 21.99 3.50
C ASP B 65 7.63 23.01 4.49
N LEU B 66 6.83 24.04 4.74
CA LEU B 66 7.14 25.03 5.76
C LEU B 66 6.78 24.45 7.11
N TYR B 67 7.73 24.50 8.04
CA TYR B 67 7.54 23.91 9.37
C TYR B 67 6.67 24.85 10.20
N GLY B 68 5.54 24.34 10.68
CA GLY B 68 4.49 25.17 11.29
C GLY B 68 3.81 26.07 10.26
N GLY B 69 3.58 25.49 9.07
CA GLY B 69 2.96 26.19 7.94
C GLY B 69 2.33 25.22 6.96
N GLU B 70 2.10 25.72 5.75
CA GLU B 70 1.54 24.94 4.65
C GLU B 70 2.64 24.40 3.73
N LYS B 71 2.23 23.52 2.80
CA LYS B 71 3.08 22.97 1.74
C LYS B 71 2.89 23.76 0.43
N PHE B 72 4.00 24.00 -0.29
CA PHE B 72 4.05 24.84 -1.50
C PHE B 72 4.86 24.22 -2.64
N ALA B 73 4.60 24.73 -3.85
CA ALA B 73 5.22 24.26 -5.09
C ALA B 73 6.54 24.95 -5.40
N THR B 74 6.67 26.22 -5.03
CA THR B 74 7.92 26.98 -5.15
C THR B 74 8.12 27.88 -3.93
N LEU B 75 9.35 28.37 -3.71
CA LEU B 75 9.59 29.40 -2.67
C LEU B 75 8.91 30.74 -2.98
N ALA B 76 8.86 31.12 -4.26
CA ALA B 76 8.16 32.34 -4.67
C ALA B 76 6.68 32.28 -4.34
N GLU B 77 6.03 31.17 -4.68
CA GLU B 77 4.61 30.95 -4.36
C GLU B 77 4.38 30.90 -2.85
N LEU B 78 5.35 30.39 -2.08
CA LEU B 78 5.35 30.48 -0.60
C LEU B 78 5.39 31.93 -0.11
N VAL B 79 6.38 32.70 -0.56
CA VAL B 79 6.54 34.12 -0.22
C VAL B 79 5.31 34.95 -0.63
N GLN B 80 4.83 34.72 -1.86
CA GLN B 80 3.60 35.35 -2.36
C GLN B 80 2.41 35.13 -1.42
N TYR B 81 2.22 33.88 -0.99
CA TYR B 81 1.10 33.50 -0.11
C TYR B 81 1.10 34.24 1.25
N TYR B 82 2.25 34.27 1.92
CA TYR B 82 2.37 34.86 3.26
C TYR B 82 2.47 36.39 3.27
N MET B 83 3.09 36.98 2.26
CA MET B 83 2.99 38.44 2.02
C MET B 83 1.54 38.93 1.77
N GLU B 84 0.73 38.11 1.07
CA GLU B 84 -0.69 38.41 0.77
C GLU B 84 -1.73 37.86 1.77
N HIS B 85 -1.36 36.86 2.59
CA HIS B 85 -2.22 36.33 3.65
C HIS B 85 -1.53 36.50 4.99
N HIS B 86 -1.63 37.73 5.49
CA HIS B 86 -1.38 38.15 6.89
C HIS B 86 -1.79 37.12 7.97
N GLY B 87 -1.01 37.03 9.05
CA GLY B 87 -1.40 36.26 10.25
C GLY B 87 -1.53 34.74 10.16
N GLN B 88 -1.11 34.16 9.03
CA GLN B 88 -1.09 32.71 8.81
C GLN B 88 0.20 32.12 9.39
N LEU B 89 1.32 32.81 9.16
CA LEU B 89 2.62 32.43 9.70
C LEU B 89 2.74 32.87 11.16
N LYS B 90 3.07 31.94 12.07
CA LYS B 90 3.02 32.16 13.54
C LYS B 90 4.33 31.81 14.26
N VAL B 96 2.65 35.16 15.63
CA VAL B 96 2.44 35.89 14.37
C VAL B 96 3.76 36.47 13.86
N ILE B 97 4.12 36.10 12.62
CA ILE B 97 5.35 36.57 11.98
C ILE B 97 4.94 37.14 10.61
N GLU B 98 5.17 38.45 10.41
CA GLU B 98 4.79 39.17 9.17
C GLU B 98 5.99 39.31 8.24
N LEU B 99 5.77 38.96 6.96
CA LEU B 99 6.71 39.20 5.86
C LEU B 99 6.31 40.53 5.17
N LYS B 100 7.12 41.58 5.38
CA LYS B 100 6.83 42.93 4.90
C LYS B 100 7.84 43.43 3.86
N TYR B 101 9.13 43.36 4.20
CA TYR B 101 10.21 44.02 3.45
C TYR B 101 11.25 43.00 2.94
N PRO B 102 11.15 42.58 1.65
CA PRO B 102 12.13 41.59 1.17
C PRO B 102 13.55 42.15 1.11
N LEU B 103 14.47 41.58 1.91
CA LEU B 103 15.86 42.04 1.93
C LEU B 103 16.56 41.50 0.69
N ASN B 104 16.79 42.37 -0.29
CA ASN B 104 17.32 41.95 -1.60
C ASN B 104 18.80 41.59 -1.56
N CYS B 105 19.16 40.62 -2.38
CA CYS B 105 20.53 40.09 -2.50
C CYS B 105 21.25 40.80 -3.64
N ALA B 106 22.52 41.14 -3.41
CA ALA B 106 23.38 41.81 -4.39
C ALA B 106 24.20 40.84 -5.25
N ASP B 107 24.28 39.58 -4.80
CA ASP B 107 25.18 38.58 -5.35
C ASP B 107 24.69 38.18 -6.76
N PRO B 108 25.55 38.32 -7.80
CA PRO B 108 25.14 37.98 -9.18
C PRO B 108 25.14 36.49 -9.58
N THR B 109 25.61 35.60 -8.71
CA THR B 109 25.84 34.16 -9.04
C THR B 109 24.69 33.47 -9.80
N SER B 110 23.47 33.62 -9.28
CA SER B 110 22.24 33.02 -9.85
C SER B 110 21.55 33.78 -11.01
N GLU B 111 22.22 34.77 -11.62
CA GLU B 111 21.71 35.44 -12.84
C GLU B 111 22.18 34.68 -14.09
N ARG B 112 21.34 34.63 -15.12
CA ARG B 112 21.61 33.88 -16.37
C ARG B 112 22.79 34.43 -17.15
N TRP B 113 22.87 35.77 -17.18
CA TRP B 113 23.96 36.54 -17.81
C TRP B 113 25.32 36.53 -17.09
N PHE B 114 25.38 36.14 -15.82
CA PHE B 114 26.64 36.16 -15.06
C PHE B 114 27.44 34.87 -15.26
N HIS B 115 28.68 34.99 -15.73
CA HIS B 115 29.57 33.84 -15.98
C HIS B 115 30.81 33.74 -15.07
N GLY B 116 31.02 34.68 -14.15
CA GLY B 116 32.11 34.58 -13.15
C GLY B 116 33.48 34.67 -13.79
N HIS B 117 34.44 33.85 -13.31
CA HIS B 117 35.75 33.68 -13.97
C HIS B 117 35.58 32.99 -15.33
N LEU B 118 35.34 33.81 -16.34
CA LEU B 118 35.35 33.43 -17.74
C LEU B 118 36.36 34.35 -18.42
N SER B 119 37.29 33.79 -19.19
CA SER B 119 38.31 34.59 -19.90
C SER B 119 37.70 35.43 -21.03
N GLY B 120 38.46 36.43 -21.47
CA GLY B 120 38.03 37.36 -22.52
C GLY B 120 37.94 36.74 -23.91
N LYS B 121 38.93 35.89 -24.24
CA LYS B 121 38.92 35.12 -25.51
C LYS B 121 37.73 34.16 -25.59
N GLU B 122 37.45 33.44 -24.48
CA GLU B 122 36.34 32.46 -24.45
C GLU B 122 34.94 33.09 -24.44
N ALA B 123 34.81 34.31 -23.90
CA ALA B 123 33.58 35.12 -24.06
C ALA B 123 33.32 35.56 -25.50
N GLU B 124 34.37 35.90 -26.23
CA GLU B 124 34.25 36.31 -27.64
C GLU B 124 33.89 35.15 -28.58
N LYS B 125 34.49 33.97 -28.35
CA LYS B 125 34.13 32.73 -29.10
C LYS B 125 32.63 32.46 -29.00
N LEU B 126 32.15 32.38 -27.77
CA LEU B 126 30.75 32.03 -27.47
C LEU B 126 29.75 33.00 -28.08
N LEU B 127 30.02 34.30 -27.99
CA LEU B 127 29.20 35.33 -28.66
C LEU B 127 29.23 35.25 -30.19
N THR B 128 30.39 34.94 -30.76
CA THR B 128 30.53 34.71 -32.21
C THR B 128 29.76 33.47 -32.69
N GLU B 129 29.92 32.36 -31.96
CA GLU B 129 29.33 31.07 -32.33
C GLU B 129 27.85 30.96 -31.97
N LYS B 130 27.53 31.15 -30.70
CA LYS B 130 26.19 30.94 -30.16
C LYS B 130 25.30 32.20 -30.14
N GLY B 131 25.91 33.37 -29.94
CA GLY B 131 25.18 34.63 -29.80
C GLY B 131 24.59 35.15 -31.09
N LYS B 132 23.53 35.96 -30.96
CA LYS B 132 22.96 36.75 -32.06
C LYS B 132 22.75 38.22 -31.59
N HIS B 133 21.99 39.03 -32.35
CA HIS B 133 21.80 40.45 -32.00
C HIS B 133 21.19 40.67 -30.60
N GLY B 134 21.87 41.47 -29.78
CA GLY B 134 21.49 41.70 -28.40
C GLY B 134 21.84 40.65 -27.36
N SER B 135 22.62 39.64 -27.75
CA SER B 135 23.03 38.57 -26.83
C SER B 135 24.16 39.11 -25.98
N PHE B 136 24.06 38.97 -24.66
CA PHE B 136 25.07 39.51 -23.74
C PHE B 136 25.45 38.57 -22.59
N LEU B 137 26.54 38.94 -21.92
CA LEU B 137 27.01 38.30 -20.70
C LEU B 137 27.81 39.30 -19.87
N VAL B 138 27.97 38.98 -18.59
CA VAL B 138 28.86 39.68 -17.68
C VAL B 138 29.87 38.65 -17.13
N ARG B 139 31.10 39.11 -16.96
CA ARG B 139 32.22 38.30 -16.47
C ARG B 139 33.11 39.15 -15.55
N GLU B 140 33.85 38.46 -14.69
CA GLU B 140 34.89 39.10 -13.85
C GLU B 140 36.05 39.52 -14.73
N SER B 141 36.59 40.73 -14.48
CA SER B 141 37.70 41.28 -15.27
C SER B 141 38.98 40.53 -14.96
N GLN B 142 39.52 39.87 -15.98
CA GLN B 142 40.89 39.31 -16.01
C GLN B 142 42.01 40.29 -15.50
N SER B 143 41.93 41.55 -15.94
CA SER B 143 42.96 42.56 -15.64
C SER B 143 42.84 43.12 -14.22
N HIS B 144 41.69 43.76 -13.96
CA HIS B 144 41.45 44.57 -12.74
C HIS B 144 40.63 43.75 -11.72
N PRO B 145 41.29 43.21 -10.65
CA PRO B 145 40.54 42.34 -9.73
C PRO B 145 39.51 43.10 -8.89
N GLY B 146 38.25 42.64 -8.92
CA GLY B 146 37.10 43.34 -8.36
C GLY B 146 36.15 43.88 -9.41
N ASP B 147 36.70 44.36 -10.54
CA ASP B 147 35.90 44.90 -11.66
C ASP B 147 35.29 43.78 -12.50
N PHE B 148 34.37 44.18 -13.37
CA PHE B 148 33.62 43.28 -14.26
C PHE B 148 33.61 43.82 -15.69
N VAL B 149 33.16 43.01 -16.63
CA VAL B 149 33.10 43.35 -18.07
C VAL B 149 31.77 42.86 -18.61
N LEU B 150 31.10 43.69 -19.42
CA LEU B 150 29.81 43.37 -20.05
C LEU B 150 30.09 43.21 -21.55
N SER B 151 30.02 41.99 -22.07
CA SER B 151 30.29 41.71 -23.51
C SER B 151 28.96 41.57 -24.25
N VAL B 152 28.70 42.45 -25.22
CA VAL B 152 27.43 42.46 -26.01
C VAL B 152 27.72 42.27 -27.48
N ARG B 153 26.92 41.45 -28.16
CA ARG B 153 26.96 41.29 -29.60
C ARG B 153 25.87 42.12 -30.22
N THR B 154 26.21 42.75 -31.36
CA THR B 154 25.29 43.56 -32.15
C THR B 154 25.41 43.23 -33.64
N GLY B 155 24.47 43.75 -34.43
CA GLY B 155 24.44 43.59 -35.90
C GLY B 155 23.45 42.53 -36.38
N ASP B 156 23.89 41.70 -37.34
CA ASP B 156 23.11 40.55 -37.84
C ASP B 156 23.13 39.43 -36.79
N SER B 166 28.14 42.19 -38.24
CA SER B 166 28.09 42.00 -36.79
C SER B 166 29.41 42.27 -36.07
N LYS B 167 29.31 42.38 -34.75
CA LYS B 167 30.47 42.69 -33.90
C LYS B 167 30.17 42.45 -32.42
N VAL B 168 31.23 42.12 -31.67
CA VAL B 168 31.19 42.07 -30.20
C VAL B 168 31.64 43.45 -29.70
N THR B 169 31.11 43.85 -28.54
CA THR B 169 31.46 45.11 -27.89
C THR B 169 31.60 44.83 -26.39
N HIS B 170 32.75 45.20 -25.82
CA HIS B 170 33.01 45.11 -24.37
C HIS B 170 32.74 46.47 -23.71
N VAL B 171 32.27 46.44 -22.46
CA VAL B 171 32.07 47.63 -21.63
C VAL B 171 32.60 47.29 -20.25
N MET B 172 33.62 48.03 -19.79
CA MET B 172 34.19 47.85 -18.46
C MET B 172 33.19 48.31 -17.39
N ILE B 173 33.09 47.52 -16.32
CA ILE B 173 32.23 47.80 -15.17
C ILE B 173 33.19 47.87 -13.99
N ARG B 174 33.39 49.09 -13.50
CA ARG B 174 34.29 49.37 -12.39
C ARG B 174 33.56 49.14 -11.09
N CYS B 175 34.23 48.51 -10.12
CA CYS B 175 33.76 48.46 -8.75
C CYS B 175 34.57 49.48 -7.96
N GLN B 176 33.87 50.53 -7.46
CA GLN B 176 34.45 51.61 -6.64
C GLN B 176 33.61 51.74 -5.39
N GLU B 177 34.19 51.38 -4.24
CA GLU B 177 33.54 51.49 -2.91
C GLU B 177 32.19 50.77 -2.83
N LEU B 178 32.20 49.49 -3.22
CA LEU B 178 31.04 48.60 -3.19
C LEU B 178 29.87 48.90 -4.16
N LYS B 179 30.04 49.85 -5.09
CA LYS B 179 29.03 50.21 -6.09
C LYS B 179 29.63 50.09 -7.50
N TYR B 180 28.76 49.91 -8.49
CA TYR B 180 29.15 49.54 -9.86
C TYR B 180 28.74 50.59 -10.85
N ASP B 181 29.64 50.90 -11.79
CA ASP B 181 29.35 51.83 -12.90
C ASP B 181 30.10 51.46 -14.18
N VAL B 182 29.65 52.07 -15.29
CA VAL B 182 30.26 51.94 -16.63
C VAL B 182 31.11 53.17 -16.98
N GLY B 183 31.90 53.65 -16.02
CA GLY B 183 32.73 54.84 -16.20
C GLY B 183 32.05 56.20 -16.18
N GLY B 184 30.77 56.27 -15.81
CA GLY B 184 30.02 57.55 -15.75
C GLY B 184 28.53 57.40 -15.50
N GLY B 185 27.92 58.44 -14.91
CA GLY B 185 26.48 58.51 -14.69
C GLY B 185 26.09 57.95 -13.33
N GLU B 186 25.08 57.08 -13.31
CA GLU B 186 24.60 56.44 -12.08
C GLU B 186 25.58 55.36 -11.61
N ARG B 187 25.70 55.21 -10.28
CA ARG B 187 26.45 54.11 -9.65
C ARG B 187 25.44 53.23 -8.91
N PHE B 188 25.47 51.93 -9.21
CA PHE B 188 24.46 50.96 -8.78
C PHE B 188 24.99 50.08 -7.64
N ASP B 189 24.09 49.70 -6.72
CA ASP B 189 24.44 48.81 -5.58
C ASP B 189 24.71 47.34 -5.95
N SER B 190 24.28 46.91 -7.15
CA SER B 190 24.56 45.56 -7.67
C SER B 190 24.65 45.58 -9.20
N LEU B 191 25.38 44.60 -9.73
CA LEU B 191 25.41 44.30 -11.17
C LEU B 191 24.03 44.07 -11.79
N THR B 192 23.11 43.48 -11.02
CA THR B 192 21.71 43.29 -11.42
C THR B 192 21.00 44.62 -11.67
N ASP B 193 21.12 45.55 -10.72
CA ASP B 193 20.59 46.91 -10.89
C ASP B 193 21.21 47.62 -12.10
N LEU B 194 22.53 47.43 -12.28
CA LEU B 194 23.23 47.95 -13.46
C LEU B 194 22.67 47.37 -14.77
N VAL B 195 22.63 46.04 -14.87
CA VAL B 195 22.18 45.32 -16.07
C VAL B 195 20.71 45.61 -16.40
N GLU B 196 19.84 45.60 -15.39
CA GLU B 196 18.42 45.92 -15.58
C GLU B 196 18.17 47.40 -15.99
N HIS B 197 19.07 48.30 -15.56
CA HIS B 197 19.02 49.72 -15.99
C HIS B 197 19.35 49.88 -17.47
N TYR B 198 20.44 49.23 -17.89
CA TYR B 198 20.90 49.27 -19.28
C TYR B 198 20.13 48.33 -20.23
N LYS B 199 19.33 47.39 -19.70
CA LYS B 199 18.24 46.78 -20.47
C LYS B 199 17.21 47.86 -20.86
N LYS B 200 16.70 48.56 -19.84
CA LYS B 200 15.70 49.63 -20.02
C LYS B 200 16.24 50.82 -20.83
N ASN B 201 17.49 51.21 -20.57
CA ASN B 201 18.15 52.39 -21.15
C ASN B 201 19.44 51.99 -21.86
N PRO B 202 19.35 51.38 -23.07
CA PRO B 202 20.57 50.91 -23.76
C PRO B 202 21.64 52.00 -24.00
N MET B 203 22.90 51.65 -23.75
CA MET B 203 24.04 52.54 -24.01
C MET B 203 24.14 52.72 -25.50
N VAL B 204 24.33 53.98 -25.93
CA VAL B 204 24.56 54.35 -27.32
C VAL B 204 26.04 54.73 -27.46
N GLU B 205 26.67 54.22 -28.50
CA GLU B 205 28.05 54.59 -28.88
C GLU B 205 28.06 55.90 -29.66
N THR B 206 29.26 56.46 -29.83
CA THR B 206 29.48 57.78 -30.46
C THR B 206 28.97 57.88 -31.91
N LEU B 207 29.08 56.79 -32.66
CA LEU B 207 28.58 56.68 -34.05
C LEU B 207 27.17 56.04 -34.19
N GLY B 208 26.41 55.98 -33.10
CA GLY B 208 25.01 55.59 -33.11
C GLY B 208 24.64 54.14 -32.88
N THR B 209 25.59 53.29 -32.47
CA THR B 209 25.31 51.86 -32.20
C THR B 209 24.65 51.76 -30.83
N VAL B 210 23.46 51.17 -30.78
CA VAL B 210 22.68 50.99 -29.56
C VAL B 210 23.07 49.61 -29.00
N LEU B 211 23.68 49.59 -27.81
CA LEU B 211 24.13 48.36 -27.14
C LEU B 211 22.99 47.71 -26.32
N GLN B 212 22.06 47.13 -27.08
CA GLN B 212 20.83 46.55 -26.58
C GLN B 212 21.14 45.20 -25.94
N LEU B 213 20.54 44.96 -24.79
CA LEU B 213 20.71 43.73 -24.02
C LEU B 213 19.39 42.97 -24.16
N LYS B 214 19.24 42.33 -25.32
CA LYS B 214 18.00 41.64 -25.72
C LYS B 214 17.78 40.34 -24.94
N GLN B 215 18.82 39.51 -24.84
CA GLN B 215 18.76 38.23 -24.10
C GLN B 215 20.14 37.80 -23.58
N PRO B 216 20.20 37.07 -22.44
CA PRO B 216 21.50 36.50 -22.04
C PRO B 216 21.97 35.39 -22.99
N LEU B 217 23.27 35.15 -23.02
CA LEU B 217 23.85 34.15 -23.92
C LEU B 217 23.60 32.75 -23.39
N ASN B 218 22.98 31.92 -24.23
CA ASN B 218 22.71 30.53 -23.88
C ASN B 218 23.98 29.68 -23.96
N THR B 219 24.36 29.09 -22.82
CA THR B 219 25.41 28.05 -22.74
C THR B 219 24.93 26.74 -22.10
N THR B 220 23.62 26.58 -21.89
CA THR B 220 23.03 25.34 -21.35
C THR B 220 22.59 24.35 -22.46
N ARG B 221 22.19 24.88 -23.62
CA ARG B 221 21.92 24.07 -24.80
C ARG B 221 23.20 23.38 -25.25
N ILE B 222 23.14 22.04 -25.31
CA ILE B 222 24.22 21.22 -25.85
C ILE B 222 23.68 20.37 -26.98
N ASN B 223 24.59 19.96 -27.86
CA ASN B 223 24.33 18.85 -28.77
C ASN B 223 24.33 17.56 -27.94
N ALA B 224 23.31 16.71 -28.12
CA ALA B 224 23.11 15.49 -27.28
C ALA B 224 24.28 14.48 -27.30
N ALA B 225 25.09 14.48 -28.37
CA ALA B 225 26.37 13.72 -28.41
C ALA B 225 27.28 14.02 -27.22
N GLU B 226 27.50 15.31 -26.93
CA GLU B 226 28.39 15.76 -25.84
C GLU B 226 27.71 15.90 -24.45
N ILE B 227 26.67 15.11 -24.17
CA ILE B 227 26.04 15.03 -22.83
C ILE B 227 27.03 14.50 -21.77
N GLU B 228 27.80 13.46 -22.10
CA GLU B 228 28.78 12.85 -21.17
C GLU B 228 29.86 13.82 -20.70
N SER B 229 30.35 14.64 -21.62
CA SER B 229 31.35 15.67 -21.32
C SER B 229 30.76 16.82 -20.49
N ARG B 230 29.53 17.24 -20.81
CA ARG B 230 28.84 18.32 -20.06
C ARG B 230 28.53 17.91 -18.60
N VAL B 231 28.05 16.68 -18.40
CA VAL B 231 27.84 16.10 -17.04
C VAL B 231 29.17 16.01 -16.28
N ARG B 232 30.25 15.66 -17.00
CA ARG B 232 31.62 15.65 -16.45
C ARG B 232 32.05 17.06 -16.02
N GLU B 233 31.73 18.06 -16.85
CA GLU B 233 31.99 19.47 -16.53
C GLU B 233 31.14 19.97 -15.35
N LEU B 234 29.85 19.64 -15.36
CA LEU B 234 28.92 19.98 -14.25
C LEU B 234 29.21 19.28 -12.90
N SER B 235 29.95 18.17 -12.91
CA SER B 235 30.30 17.40 -11.70
C SER B 235 31.49 17.94 -10.89
N LYS B 236 32.45 18.62 -11.55
CA LYS B 236 33.72 19.03 -10.91
C LYS B 236 33.55 20.18 -9.90
N GLN B 246 30.01 22.42 -7.22
CA GLN B 246 29.37 21.79 -8.37
C GLN B 246 28.86 22.84 -9.36
N GLY B 247 29.10 22.61 -10.65
CA GLY B 247 28.43 23.33 -11.75
C GLY B 247 26.93 23.06 -11.88
N PHE B 248 26.47 21.88 -11.43
CA PHE B 248 25.03 21.54 -11.36
C PHE B 248 24.22 22.49 -10.49
N TRP B 249 24.81 22.94 -9.38
CA TRP B 249 24.16 23.87 -8.41
C TRP B 249 23.94 25.26 -9.01
N GLU B 250 24.99 25.76 -9.68
CA GLU B 250 24.96 27.02 -10.42
C GLU B 250 23.87 27.04 -11.48
N GLU B 251 23.77 25.96 -12.25
CA GLU B 251 22.76 25.81 -13.31
C GLU B 251 21.35 25.70 -12.73
N PHE B 252 21.19 24.92 -11.67
CA PHE B 252 19.91 24.75 -10.97
C PHE B 252 19.41 26.03 -10.26
N GLU B 253 20.25 26.69 -9.47
CA GLU B 253 19.84 27.93 -8.76
C GLU B 253 19.57 29.13 -9.68
N THR B 254 20.22 29.16 -10.85
CA THR B 254 19.87 30.08 -11.95
C THR B 254 18.47 29.79 -12.51
N LEU B 255 18.12 28.51 -12.64
CA LEU B 255 16.75 28.12 -13.03
C LEU B 255 15.73 28.51 -11.95
N GLN B 256 16.06 28.25 -10.69
CA GLN B 256 15.19 28.59 -9.53
C GLN B 256 14.86 30.09 -9.41
N GLN B 257 15.84 30.93 -9.75
CA GLN B 257 15.68 32.39 -9.77
C GLN B 257 14.60 32.87 -10.74
N GLN B 258 14.36 32.13 -11.81
CA GLN B 258 13.33 32.44 -12.81
C GLN B 258 11.91 32.00 -12.49
N GLU B 259 11.69 31.35 -11.35
CA GLU B 259 10.34 30.97 -10.90
C GLU B 259 9.38 32.15 -10.61
N CYS B 260 9.93 33.31 -10.22
N CYS B 260 9.94 33.30 -10.22
CA CYS B 260 9.13 34.53 -10.05
CA CYS B 260 9.21 34.57 -10.08
C CYS B 260 8.48 35.08 -11.34
C CYS B 260 8.48 35.06 -11.34
N LYS B 261 9.04 34.72 -12.51
CA LYS B 261 8.34 34.92 -13.80
C LYS B 261 7.06 34.08 -13.99
N LEU B 262 6.91 32.99 -13.23
CA LEU B 262 5.86 31.99 -13.40
C LEU B 262 4.84 31.95 -12.25
N LEU B 263 4.54 33.11 -11.67
CA LEU B 263 3.52 33.26 -10.63
C LEU B 263 2.19 33.65 -11.27
N TYR B 264 1.69 32.75 -12.13
CA TYR B 264 0.43 32.96 -12.87
C TYR B 264 -0.75 32.63 -11.97
N SER B 265 -1.94 33.06 -12.37
CA SER B 265 -3.12 32.96 -11.52
C SER B 265 -3.61 31.50 -11.36
N ARG B 266 -4.02 31.18 -10.13
CA ARG B 266 -4.66 29.92 -9.77
C ARG B 266 -5.94 30.25 -8.98
N LYS B 267 -6.80 31.07 -9.58
CA LYS B 267 -8.04 31.52 -8.93
C LYS B 267 -9.07 30.41 -8.72
N GLU B 268 -9.18 29.49 -9.68
CA GLU B 268 -10.22 28.46 -9.67
C GLU B 268 -10.00 27.42 -8.56
N GLY B 269 -8.75 27.05 -8.32
CA GLY B 269 -8.37 26.22 -7.16
C GLY B 269 -8.55 26.80 -5.78
N GLN B 270 -8.60 28.14 -5.69
CA GLN B 270 -8.85 28.89 -4.44
C GLN B 270 -10.32 29.14 -4.09
N ARG B 271 -11.25 28.80 -5.00
CA ARG B 271 -12.68 28.95 -4.76
C ARG B 271 -13.10 28.00 -3.64
N GLN B 272 -14.10 28.41 -2.84
CA GLN B 272 -14.60 27.59 -1.73
C GLN B 272 -15.06 26.23 -2.22
N GLU B 273 -15.78 26.24 -3.35
CA GLU B 273 -16.31 25.04 -4.02
C GLU B 273 -15.24 23.99 -4.38
N ASN B 274 -14.01 24.44 -4.64
CA ASN B 274 -12.86 23.62 -5.02
C ASN B 274 -11.75 23.40 -3.97
N LYS B 275 -11.90 23.98 -2.76
CA LYS B 275 -10.87 23.84 -1.68
C LYS B 275 -10.55 22.37 -1.30
N ASN B 276 -11.59 21.59 -1.01
CA ASN B 276 -11.44 20.15 -0.65
C ASN B 276 -11.10 19.20 -1.82
N LYS B 277 -11.04 19.70 -3.06
CA LYS B 277 -10.60 18.95 -4.24
C LYS B 277 -9.08 19.02 -4.51
N ASN B 278 -8.33 19.68 -3.62
CA ASN B 278 -6.86 19.79 -3.67
C ASN B 278 -6.30 19.05 -2.48
N ARG B 279 -5.29 18.22 -2.74
CA ARG B 279 -4.63 17.43 -1.71
C ARG B 279 -3.84 18.34 -0.77
N TYR B 280 -3.14 19.31 -1.36
CA TYR B 280 -2.40 20.35 -0.66
C TYR B 280 -3.03 21.69 -1.10
N LYS B 281 -3.64 22.39 -0.14
CA LYS B 281 -4.46 23.61 -0.36
C LYS B 281 -3.82 24.70 -1.24
N ASN B 282 -2.50 24.88 -1.11
CA ASN B 282 -1.72 25.92 -1.82
C ASN B 282 -0.88 25.45 -3.01
N ILE B 283 -1.00 24.19 -3.40
CA ILE B 283 -0.37 23.68 -4.60
C ILE B 283 -1.53 23.55 -5.57
N LEU B 284 -1.65 24.56 -6.45
CA LEU B 284 -2.82 24.74 -7.31
C LEU B 284 -2.44 24.74 -8.77
N PRO B 285 -3.38 24.30 -9.65
CA PRO B 285 -3.14 24.31 -11.08
C PRO B 285 -3.37 25.70 -11.65
N PHE B 286 -2.47 26.16 -12.51
CA PHE B 286 -2.65 27.44 -13.23
C PHE B 286 -3.95 27.42 -14.03
N ASP B 287 -4.66 28.54 -14.08
CA ASP B 287 -5.95 28.64 -14.81
C ASP B 287 -5.84 28.38 -16.32
N HIS B 288 -4.78 28.89 -16.92
CA HIS B 288 -4.58 28.88 -18.38
C HIS B 288 -4.24 27.51 -19.01
N THR B 289 -3.78 26.56 -18.19
CA THR B 289 -3.50 25.16 -18.61
C THR B 289 -4.35 24.08 -17.96
N ARG B 290 -5.19 24.45 -16.99
CA ARG B 290 -5.89 23.46 -16.18
C ARG B 290 -6.85 22.68 -17.04
N VAL B 291 -7.11 21.46 -16.60
CA VAL B 291 -8.00 20.58 -17.32
C VAL B 291 -9.40 21.00 -16.88
N VAL B 292 -10.23 21.37 -17.84
CA VAL B 292 -11.60 21.81 -17.55
C VAL B 292 -12.48 20.62 -17.85
N LEU B 293 -13.19 20.14 -16.82
CA LEU B 293 -14.15 19.06 -16.97
C LEU B 293 -15.50 19.60 -17.47
N HIS B 294 -16.05 18.94 -18.48
CA HIS B 294 -17.34 19.28 -19.12
C HIS B 294 -18.32 18.14 -18.88
N ASP B 295 -19.59 18.40 -19.18
CA ASP B 295 -20.69 17.45 -18.90
C ASP B 295 -20.72 16.97 -17.43
N GLY B 296 -20.57 17.93 -16.52
CA GLY B 296 -20.84 17.71 -15.10
C GLY B 296 -22.33 17.71 -14.83
N ASP B 297 -22.67 17.46 -13.57
CA ASP B 297 -24.08 17.47 -13.11
C ASP B 297 -24.67 18.90 -13.26
N PRO B 298 -25.95 19.02 -13.68
CA PRO B 298 -26.60 20.35 -13.68
C PRO B 298 -26.78 21.02 -12.30
N ASN B 299 -26.95 20.20 -11.26
CA ASN B 299 -27.17 20.68 -9.88
C ASN B 299 -25.87 21.13 -9.18
N GLU B 300 -24.77 20.40 -9.38
CA GLU B 300 -23.42 20.74 -8.87
C GLU B 300 -22.94 22.09 -9.45
N PRO B 301 -22.83 23.18 -8.61
CA PRO B 301 -22.48 24.52 -9.13
C PRO B 301 -21.12 24.61 -9.85
N VAL B 302 -20.08 24.08 -9.22
CA VAL B 302 -18.72 24.06 -9.79
C VAL B 302 -18.32 22.60 -10.00
N SER B 303 -18.88 22.02 -11.06
CA SER B 303 -18.55 20.67 -11.52
C SER B 303 -17.32 20.56 -12.46
N ASP B 304 -16.68 21.68 -12.82
CA ASP B 304 -15.63 21.70 -13.85
C ASP B 304 -14.17 21.56 -13.39
N TYR B 305 -13.91 21.46 -12.08
CA TYR B 305 -12.54 21.52 -11.55
C TYR B 305 -11.88 20.18 -11.29
N ILE B 306 -10.59 20.11 -11.62
CA ILE B 306 -9.67 19.06 -11.12
C ILE B 306 -8.26 19.64 -10.98
N ASN B 307 -7.50 19.22 -9.94
CA ASN B 307 -6.13 19.68 -9.73
C ASN B 307 -5.25 18.94 -10.74
N ALA B 308 -5.21 19.51 -11.95
CA ALA B 308 -4.56 18.90 -13.10
C ALA B 308 -4.29 19.97 -14.18
N ASN B 309 -3.27 19.72 -15.00
CA ASN B 309 -2.80 20.67 -16.04
C ASN B 309 -2.34 19.93 -17.26
N ILE B 310 -2.69 20.43 -18.45
CA ILE B 310 -2.16 19.93 -19.74
C ILE B 310 -0.71 20.43 -19.85
N ILE B 311 0.22 19.52 -20.13
CA ILE B 311 1.65 19.82 -20.39
C ILE B 311 1.92 19.57 -21.88
N MET B 312 2.02 20.66 -22.66
CA MET B 312 2.35 20.61 -24.09
C MET B 312 3.79 21.07 -24.25
N PRO B 313 4.65 20.22 -24.86
CA PRO B 313 6.02 20.68 -25.19
C PRO B 313 6.07 21.75 -26.29
N GLU B 314 7.13 22.57 -26.26
CA GLU B 314 7.39 23.65 -27.24
C GLU B 314 8.89 23.70 -27.56
N LYS B 325 5.18 14.65 -31.56
CA LYS B 325 5.41 14.85 -30.12
C LYS B 325 4.10 14.90 -29.31
N LYS B 326 3.99 14.02 -28.32
CA LYS B 326 2.76 13.84 -27.52
C LYS B 326 2.65 14.84 -26.34
N SER B 327 1.44 14.97 -25.79
CA SER B 327 1.12 15.80 -24.61
C SER B 327 0.92 14.93 -23.36
N TYR B 328 0.84 15.61 -22.20
CA TYR B 328 0.69 14.97 -20.87
C TYR B 328 -0.38 15.69 -20.04
N ILE B 329 -0.88 15.01 -19.01
CA ILE B 329 -1.63 15.68 -17.93
C ILE B 329 -0.87 15.40 -16.65
N ALA B 330 -0.31 16.46 -16.05
CA ALA B 330 0.34 16.37 -14.75
C ALA B 330 -0.72 16.69 -13.71
N THR B 331 -0.92 15.78 -12.75
CA THR B 331 -1.96 15.90 -11.72
C THR B 331 -1.47 15.30 -10.37
N GLN B 332 -2.23 15.60 -9.32
CA GLN B 332 -2.03 15.02 -7.97
C GLN B 332 -2.51 13.56 -7.90
N GLY B 333 -2.09 12.88 -6.83
CA GLY B 333 -2.68 11.60 -6.46
C GLY B 333 -4.11 11.83 -5.97
N CYS B 334 -5.03 10.93 -6.33
CA CYS B 334 -6.46 11.09 -5.98
C CYS B 334 -6.73 11.18 -4.49
N LEU B 335 -7.70 12.02 -4.13
CA LEU B 335 -8.36 12.04 -2.84
C LEU B 335 -9.59 11.17 -3.00
N GLN B 336 -10.15 10.72 -1.88
CA GLN B 336 -11.42 9.95 -1.89
C GLN B 336 -12.50 10.73 -2.67
N ASN B 337 -12.65 12.01 -2.33
CA ASN B 337 -13.66 12.88 -2.94
C ASN B 337 -13.41 13.38 -4.40
N THR B 338 -12.30 12.99 -5.04
CA THR B 338 -12.03 13.34 -6.46
C THR B 338 -11.78 12.16 -7.42
N VAL B 339 -12.07 10.91 -7.00
CA VAL B 339 -11.86 9.72 -7.85
C VAL B 339 -12.80 9.76 -9.07
N ASN B 340 -14.05 10.13 -8.85
CA ASN B 340 -15.02 10.30 -9.95
C ASN B 340 -14.55 11.36 -10.97
N ASP B 341 -14.00 12.47 -10.46
CA ASP B 341 -13.42 13.53 -11.31
C ASP B 341 -12.22 13.06 -12.13
N PHE B 342 -11.31 12.33 -11.49
CA PHE B 342 -10.15 11.74 -12.18
C PHE B 342 -10.56 10.85 -13.35
N TRP B 343 -11.59 10.02 -13.19
CA TRP B 343 -12.07 9.14 -14.28
C TRP B 343 -12.79 9.90 -15.40
N ARG B 344 -13.59 10.90 -15.04
CA ARG B 344 -14.15 11.85 -16.02
C ARG B 344 -13.09 12.54 -16.88
N MET B 345 -11.99 12.94 -16.24
CA MET B 345 -10.82 13.54 -16.94
C MET B 345 -10.20 12.58 -17.94
N VAL B 346 -9.91 11.37 -17.47
CA VAL B 346 -9.33 10.31 -18.31
C VAL B 346 -10.24 10.03 -19.51
N PHE B 347 -11.54 9.90 -19.26
CA PHE B 347 -12.53 9.68 -20.33
C PHE B 347 -12.59 10.84 -21.31
N GLN B 348 -12.79 12.05 -20.77
CA GLN B 348 -12.93 13.28 -21.58
C GLN B 348 -11.74 13.52 -22.48
N GLU B 349 -10.56 13.40 -21.91
CA GLU B 349 -9.30 13.65 -22.61
C GLU B 349 -8.83 12.51 -23.54
N ASN B 350 -9.53 11.37 -23.56
CA ASN B 350 -9.20 10.19 -24.38
C ASN B 350 -7.80 9.61 -24.04
N SER B 351 -7.41 9.77 -22.77
CA SER B 351 -6.13 9.27 -22.25
C SER B 351 -6.22 7.75 -22.16
N ARG B 352 -5.21 7.10 -22.71
CA ARG B 352 -5.08 5.64 -22.75
C ARG B 352 -3.95 5.07 -21.89
N VAL B 353 -3.10 5.94 -21.34
CA VAL B 353 -1.95 5.54 -20.50
C VAL B 353 -1.89 6.46 -19.26
N ILE B 354 -1.73 5.85 -18.09
CA ILE B 354 -1.58 6.52 -16.80
C ILE B 354 -0.24 6.03 -16.25
N VAL B 355 0.58 6.98 -15.81
CA VAL B 355 1.88 6.72 -15.19
C VAL B 355 1.70 7.18 -13.74
N MET B 356 1.69 6.21 -12.82
CA MET B 356 1.64 6.46 -11.37
C MET B 356 3.04 6.22 -10.83
N THR B 357 3.61 7.17 -10.12
CA THR B 357 5.05 7.18 -9.73
C THR B 357 5.29 7.18 -8.22
N THR B 358 4.34 6.65 -7.47
CA THR B 358 4.40 6.56 -6.01
C THR B 358 3.64 5.30 -5.53
N LYS B 359 4.11 4.64 -4.47
CA LYS B 359 3.32 3.60 -3.75
C LYS B 359 2.12 4.26 -3.04
N GLU B 360 1.01 3.53 -2.91
CA GLU B 360 -0.24 4.04 -2.30
C GLU B 360 -0.04 4.62 -0.88
N VAL B 361 0.77 3.93 -0.07
CA VAL B 361 1.21 4.37 1.27
C VAL B 361 2.74 4.55 1.24
N GLU B 362 3.23 5.63 1.86
CA GLU B 362 4.68 5.88 2.05
C GLU B 362 4.99 6.52 3.41
N GLY B 364 4.58 6.55 6.88
CA GLY B 364 3.46 5.69 6.48
C GLY B 364 2.13 6.42 6.26
N LYS B 365 2.18 7.52 5.50
CA LYS B 365 1.00 8.34 5.13
C LYS B 365 0.48 7.97 3.73
N SER B 366 -0.81 8.25 3.49
CA SER B 366 -1.48 8.02 2.20
C SER B 366 -1.15 9.13 1.19
N LYS B 367 -0.13 8.89 0.36
CA LYS B 367 0.23 9.79 -0.76
C LYS B 367 -0.73 9.72 -1.97
N CYS B 368 -1.38 8.57 -2.16
CA CYS B 368 -2.45 8.40 -3.16
C CYS B 368 -3.53 7.41 -2.66
N VAL B 369 -4.78 7.72 -2.98
CA VAL B 369 -5.94 6.84 -2.74
C VAL B 369 -6.08 5.89 -3.94
N LYS B 370 -6.41 4.63 -3.63
CA LYS B 370 -6.61 3.58 -4.63
C LYS B 370 -7.90 3.88 -5.44
N TYR B 371 -7.70 4.28 -6.69
CA TYR B 371 -8.77 4.72 -7.59
C TYR B 371 -9.13 3.69 -8.67
N TRP B 372 -8.52 2.52 -8.65
CA TRP B 372 -8.70 1.47 -9.67
C TRP B 372 -9.29 0.24 -8.97
N PRO B 373 -10.09 -0.59 -9.68
CA PRO B 373 -10.63 -1.80 -9.05
C PRO B 373 -9.57 -2.87 -8.77
N ASP B 374 -9.92 -3.82 -7.90
CA ASP B 374 -9.10 -5.03 -7.66
C ASP B 374 -9.05 -5.87 -8.93
N GLU B 375 -8.01 -6.70 -9.08
CA GLU B 375 -7.82 -7.51 -10.29
C GLU B 375 -9.07 -8.36 -10.57
N TYR B 376 -9.56 -8.28 -11.81
CA TYR B 376 -10.78 -8.95 -12.29
C TYR B 376 -12.11 -8.31 -11.88
N ALA B 377 -12.08 -7.27 -11.03
CA ALA B 377 -13.29 -6.70 -10.46
C ALA B 377 -13.74 -5.53 -11.31
N LEU B 378 -15.04 -5.26 -11.24
CA LEU B 378 -15.67 -4.16 -11.92
C LEU B 378 -16.24 -3.21 -10.85
N LYS B 379 -16.05 -1.91 -11.07
CA LYS B 379 -16.57 -0.84 -10.19
C LYS B 379 -17.09 0.35 -11.02
N GLU B 380 -18.07 1.07 -10.44
CA GLU B 380 -18.60 2.31 -10.95
C GLU B 380 -18.12 3.48 -10.10
N TYR B 381 -17.52 4.48 -10.74
CA TYR B 381 -17.03 5.72 -10.14
C TYR B 381 -17.91 6.83 -10.73
N GLY B 382 -19.01 7.10 -10.04
CA GLY B 382 -20.09 7.95 -10.59
C GLY B 382 -20.66 7.35 -11.87
N VAL B 383 -20.71 8.18 -12.93
CA VAL B 383 -21.17 7.75 -14.26
C VAL B 383 -20.16 6.90 -15.08
N MET B 384 -18.93 6.74 -14.58
CA MET B 384 -17.87 5.97 -15.23
C MET B 384 -17.76 4.58 -14.62
N ARG B 385 -17.23 3.64 -15.40
CA ARG B 385 -17.18 2.21 -15.04
C ARG B 385 -15.81 1.66 -15.44
N VAL B 386 -15.14 0.99 -14.52
CA VAL B 386 -13.76 0.49 -14.73
C VAL B 386 -13.67 -0.98 -14.33
N ARG B 387 -13.31 -1.82 -15.29
CA ARG B 387 -12.89 -3.20 -15.07
C ARG B 387 -11.37 -3.24 -14.99
N ASN B 388 -10.84 -4.00 -14.03
CA ASN B 388 -9.42 -4.37 -14.01
C ASN B 388 -9.34 -5.75 -14.70
N VAL B 389 -8.91 -5.74 -15.95
CA VAL B 389 -8.87 -6.96 -16.77
C VAL B 389 -7.74 -7.90 -16.31
N LYS B 390 -6.56 -7.36 -16.09
CA LYS B 390 -5.37 -8.14 -15.74
C LYS B 390 -4.26 -7.21 -15.19
N GLU B 391 -3.50 -7.72 -14.22
CA GLU B 391 -2.29 -7.12 -13.71
C GLU B 391 -1.07 -7.97 -14.08
N SER B 392 0.04 -7.29 -14.40
CA SER B 392 1.35 -7.90 -14.70
C SER B 392 2.43 -7.19 -13.90
N ALA B 393 3.21 -7.94 -13.14
CA ALA B 393 4.34 -7.42 -12.37
C ALA B 393 5.64 -7.58 -13.16
N ALA B 394 6.27 -6.45 -13.50
CA ALA B 394 7.68 -6.36 -13.88
C ALA B 394 8.48 -6.03 -12.61
N HIS B 395 9.80 -5.92 -12.74
CA HIS B 395 10.67 -5.69 -11.58
C HIS B 395 10.46 -4.30 -10.99
N ASP B 396 10.53 -3.28 -11.83
CA ASP B 396 10.38 -1.88 -11.40
C ASP B 396 8.93 -1.37 -11.34
N TYR B 397 7.98 -2.07 -11.98
CA TYR B 397 6.59 -1.59 -12.09
C TYR B 397 5.53 -2.71 -12.12
N THR B 398 4.28 -2.32 -11.87
CA THR B 398 3.09 -3.12 -12.12
C THR B 398 2.29 -2.44 -13.24
N LEU B 399 1.90 -3.22 -14.25
CA LEU B 399 0.94 -2.83 -15.27
C LEU B 399 -0.45 -3.36 -14.90
N ARG B 400 -1.47 -2.48 -14.89
CA ARG B 400 -2.89 -2.88 -14.81
C ARG B 400 -3.61 -2.53 -16.11
N GLU B 401 -4.14 -3.56 -16.80
CA GLU B 401 -4.99 -3.36 -17.97
C GLU B 401 -6.41 -3.04 -17.46
N LEU B 402 -6.88 -1.80 -17.69
CA LEU B 402 -8.20 -1.31 -17.25
C LEU B 402 -9.09 -1.01 -18.46
N LYS B 403 -10.37 -1.35 -18.39
CA LYS B 403 -11.35 -1.02 -19.45
C LYS B 403 -12.30 0.03 -18.89
N LEU B 404 -12.20 1.25 -19.42
CA LEU B 404 -13.01 2.39 -18.98
C LEU B 404 -14.17 2.62 -19.94
N SER B 405 -15.37 2.79 -19.39
CA SER B 405 -16.56 3.18 -20.17
C SER B 405 -17.50 4.06 -19.37
N LYS B 406 -18.38 4.76 -20.09
CA LYS B 406 -19.43 5.57 -19.45
C LYS B 406 -20.66 4.68 -19.30
N VAL B 407 -21.21 4.70 -18.08
CA VAL B 407 -22.38 3.90 -17.69
C VAL B 407 -23.58 4.23 -18.59
N GLY B 408 -24.18 3.19 -19.19
CA GLY B 408 -25.32 3.31 -20.10
C GLY B 408 -25.01 3.59 -21.57
N GLN B 409 -23.72 3.57 -21.94
CA GLN B 409 -23.28 3.73 -23.32
C GLN B 409 -22.23 2.65 -23.62
N GLY B 410 -22.63 1.66 -24.42
CA GLY B 410 -21.83 0.46 -24.66
C GLY B 410 -20.62 0.66 -25.55
N ASN B 411 -20.81 1.41 -26.63
CA ASN B 411 -19.73 1.76 -27.57
C ASN B 411 -18.58 2.65 -27.00
N THR B 412 -18.74 3.21 -25.80
CA THR B 412 -17.74 4.11 -25.18
C THR B 412 -16.48 3.46 -24.58
N GLU B 413 -16.42 2.12 -24.54
CA GLU B 413 -15.29 1.43 -23.88
C GLU B 413 -13.95 1.65 -24.61
N ARG B 414 -12.89 1.76 -23.82
CA ARG B 414 -11.50 1.77 -24.31
C ARG B 414 -10.59 1.28 -23.21
N THR B 415 -9.43 0.78 -23.61
CA THR B 415 -8.44 0.25 -22.66
C THR B 415 -7.49 1.36 -22.20
N VAL B 416 -7.38 1.49 -20.87
CA VAL B 416 -6.44 2.38 -20.20
C VAL B 416 -5.40 1.52 -19.50
N TRP B 417 -4.13 1.79 -19.82
CA TRP B 417 -3.00 0.97 -19.39
C TRP B 417 -2.31 1.74 -18.28
N GLN B 418 -2.46 1.25 -17.05
CA GLN B 418 -1.96 1.91 -15.85
C GLN B 418 -0.58 1.37 -15.45
N TYR B 419 0.45 2.20 -15.64
CA TYR B 419 1.84 1.85 -15.32
C TYR B 419 2.18 2.39 -13.95
N HIS B 420 2.16 1.52 -12.95
CA HIS B 420 2.50 1.88 -11.59
C HIS B 420 3.99 1.61 -11.31
N PHE B 421 4.80 2.68 -11.33
CA PHE B 421 6.23 2.61 -10.92
C PHE B 421 6.36 2.42 -9.41
N ARG B 422 7.07 1.36 -8.98
CA ARG B 422 7.13 0.96 -7.57
C ARG B 422 8.47 1.13 -6.87
N THR B 423 9.60 1.16 -7.61
CA THR B 423 10.95 1.16 -7.01
C THR B 423 11.60 2.55 -6.78
N TRP B 424 10.83 3.65 -6.88
CA TRP B 424 11.36 4.99 -6.59
C TRP B 424 11.52 5.09 -5.06
N PRO B 425 12.72 5.50 -4.57
CA PRO B 425 12.95 5.45 -3.12
C PRO B 425 12.19 6.53 -2.36
N ASP B 426 11.88 6.27 -1.09
CA ASP B 426 11.04 7.16 -0.26
C ASP B 426 11.64 8.56 -0.11
N HIS B 427 12.95 8.61 0.12
CA HIS B 427 13.75 9.86 0.09
C HIS B 427 14.78 9.83 -1.05
N GLY B 428 14.91 10.95 -1.77
CA GLY B 428 15.89 11.10 -2.85
C GLY B 428 15.43 10.55 -4.20
N VAL B 429 16.42 10.21 -5.03
CA VAL B 429 16.22 9.71 -6.41
C VAL B 429 16.87 8.33 -6.58
N PRO B 430 16.50 7.58 -7.66
CA PRO B 430 17.23 6.34 -7.96
C PRO B 430 18.73 6.61 -8.23
N SER B 431 19.59 5.77 -7.66
CA SER B 431 21.03 5.83 -7.93
C SER B 431 21.41 5.42 -9.36
N ASP B 432 20.60 4.55 -9.98
CA ASP B 432 20.70 4.20 -11.40
C ASP B 432 19.39 4.58 -12.12
N PRO B 433 19.45 5.22 -13.31
CA PRO B 433 18.25 5.53 -14.11
C PRO B 433 17.72 4.43 -15.05
N GLY B 434 18.35 3.25 -15.11
CA GLY B 434 17.95 2.16 -16.02
C GLY B 434 16.49 1.76 -15.92
N GLY B 435 16.00 1.71 -14.68
CA GLY B 435 14.61 1.34 -14.38
C GLY B 435 13.60 2.32 -14.91
N VAL B 436 13.83 3.60 -14.63
CA VAL B 436 12.97 4.70 -15.12
C VAL B 436 12.97 4.72 -16.67
N LEU B 437 14.15 4.55 -17.28
CA LEU B 437 14.27 4.60 -18.76
C LEU B 437 13.56 3.47 -19.44
N ASP B 438 13.80 2.25 -18.97
CA ASP B 438 13.11 1.04 -19.45
C ASP B 438 11.58 1.17 -19.29
N PHE B 439 11.17 1.66 -18.12
CA PHE B 439 9.76 1.97 -17.80
C PHE B 439 9.14 2.97 -18.77
N LEU B 440 9.80 4.11 -18.97
CA LEU B 440 9.37 5.13 -19.92
C LEU B 440 9.38 4.68 -21.38
N GLU B 441 10.34 3.81 -21.72
CA GLU B 441 10.44 3.21 -23.08
C GLU B 441 9.21 2.35 -23.36
N GLU B 442 8.85 1.51 -22.40
CA GLU B 442 7.64 0.70 -22.47
C GLU B 442 6.36 1.54 -22.56
N VAL B 443 6.26 2.53 -21.65
CA VAL B 443 5.17 3.53 -21.63
C VAL B 443 5.00 4.24 -22.98
N HIS B 444 6.13 4.62 -23.58
CA HIS B 444 6.16 5.34 -24.85
C HIS B 444 5.66 4.46 -25.97
N HIS B 445 6.19 3.24 -26.06
CA HIS B 445 5.79 2.28 -27.10
C HIS B 445 4.31 1.89 -26.98
N LYS B 446 3.79 1.81 -25.76
CA LYS B 446 2.35 1.62 -25.52
C LYS B 446 1.50 2.76 -26.13
N GLN B 447 1.81 3.99 -25.73
CA GLN B 447 1.14 5.20 -26.27
C GLN B 447 1.17 5.29 -27.79
N GLU B 448 2.31 4.94 -28.37
CA GLU B 448 2.52 5.00 -29.81
C GLU B 448 1.77 3.93 -30.56
N SER B 449 1.53 2.77 -29.93
CA SER B 449 0.70 1.70 -30.53
C SER B 449 -0.80 2.04 -30.69
N ILE B 450 -1.30 2.99 -29.90
CA ILE B 450 -2.72 3.36 -29.85
C ILE B 450 -2.96 4.62 -30.69
N MET B 451 -3.76 4.49 -31.75
CA MET B 451 -4.08 5.60 -32.66
C MET B 451 -5.00 6.66 -32.00
N ASP B 452 -4.64 7.93 -32.20
CA ASP B 452 -5.41 9.11 -31.72
C ASP B 452 -5.64 9.10 -30.19
N ALA B 453 -4.67 8.58 -29.44
CA ALA B 453 -4.73 8.50 -27.99
C ALA B 453 -4.47 9.88 -27.42
N GLY B 454 -5.15 10.17 -26.31
CA GLY B 454 -5.04 11.44 -25.63
C GLY B 454 -3.75 11.58 -24.84
N PRO B 455 -3.64 12.66 -24.02
CA PRO B 455 -2.43 12.86 -23.24
C PRO B 455 -2.17 11.78 -22.22
N VAL B 456 -0.88 11.51 -22.00
CA VAL B 456 -0.43 10.57 -20.99
C VAL B 456 -0.65 11.21 -19.63
N VAL B 457 -1.50 10.57 -18.80
CA VAL B 457 -1.72 11.02 -17.42
C VAL B 457 -0.49 10.60 -16.59
N VAL B 458 0.04 11.54 -15.82
CA VAL B 458 1.24 11.34 -14.98
C VAL B 458 0.92 11.92 -13.61
N HIS B 459 1.08 11.12 -12.55
CA HIS B 459 0.91 11.60 -11.17
C HIS B 459 1.81 10.97 -10.12
N CYS B 460 1.90 11.66 -8.99
CA CYS B 460 2.67 11.26 -7.81
C CYS B 460 1.84 11.72 -6.61
N SER B 461 2.45 12.31 -5.57
CA SER B 461 1.68 12.89 -4.44
C SER B 461 1.06 14.22 -4.88
N ALA B 462 1.89 15.27 -4.91
CA ALA B 462 1.42 16.64 -5.24
C ALA B 462 1.25 16.88 -6.76
N GLY B 463 1.94 16.08 -7.57
CA GLY B 463 1.88 16.18 -9.04
C GLY B 463 2.92 17.07 -9.70
N ILE B 464 4.03 17.34 -8.99
CA ILE B 464 5.05 18.33 -9.39
C ILE B 464 6.52 17.82 -9.34
N GLY B 465 6.89 17.07 -8.31
CA GLY B 465 8.26 16.57 -8.17
C GLY B 465 8.63 15.46 -9.11
N ARG B 466 8.20 14.25 -8.75
CA ARG B 466 8.40 13.05 -9.57
C ARG B 466 7.69 13.17 -10.90
N THR B 467 6.44 13.62 -10.86
CA THR B 467 5.64 13.90 -12.07
C THR B 467 6.38 14.78 -13.09
N GLY B 468 7.03 15.82 -12.57
CA GLY B 468 7.81 16.74 -13.41
C GLY B 468 9.12 16.16 -13.90
N THR B 469 9.78 15.42 -13.02
CA THR B 469 11.01 14.68 -13.35
C THR B 469 10.78 13.62 -14.47
N PHE B 470 9.73 12.81 -14.31
CA PHE B 470 9.32 11.87 -15.36
C PHE B 470 8.98 12.54 -16.69
N ILE B 471 8.07 13.52 -16.68
CA ILE B 471 7.62 14.19 -17.91
C ILE B 471 8.79 14.83 -18.68
N VAL B 472 9.69 15.48 -17.95
CA VAL B 472 10.85 16.17 -18.56
C VAL B 472 11.84 15.17 -19.14
N ILE B 473 12.15 14.09 -18.41
CA ILE B 473 12.99 13.01 -18.94
C ILE B 473 12.36 12.50 -20.25
N ASP B 474 11.05 12.25 -20.22
CA ASP B 474 10.32 11.76 -21.38
C ASP B 474 10.32 12.75 -22.56
N ILE B 475 10.22 14.05 -22.28
CA ILE B 475 10.33 15.07 -23.35
C ILE B 475 11.72 15.02 -24.00
N LEU B 476 12.78 14.98 -23.18
CA LEU B 476 14.17 14.99 -23.69
C LEU B 476 14.57 13.73 -24.46
N ILE B 477 14.10 12.59 -23.97
CA ILE B 477 14.30 11.28 -24.66
C ILE B 477 13.54 11.22 -25.99
N ASP B 478 12.31 11.76 -26.05
CA ASP B 478 11.49 11.82 -27.28
C ASP B 478 12.20 12.59 -28.41
N ILE B 479 12.91 13.67 -28.05
CA ILE B 479 13.79 14.41 -28.99
C ILE B 479 14.86 13.49 -29.60
N ILE B 480 15.60 12.83 -28.72
CA ILE B 480 16.72 11.95 -29.10
C ILE B 480 16.21 10.76 -29.92
N ARG B 481 15.06 10.20 -29.53
CA ARG B 481 14.44 9.07 -30.21
C ARG B 481 14.02 9.37 -31.65
N GLU B 482 13.36 10.52 -31.87
CA GLU B 482 12.95 10.94 -33.21
C GLU B 482 14.17 11.38 -34.02
N LYS B 483 14.81 12.46 -33.57
CA LYS B 483 15.90 13.16 -34.32
C LYS B 483 17.34 12.64 -34.12
N GLY B 484 17.53 11.56 -33.33
CA GLY B 484 18.84 10.94 -33.15
C GLY B 484 19.76 11.69 -32.20
N VAL B 485 21.01 11.20 -32.07
CA VAL B 485 22.03 11.83 -31.23
C VAL B 485 22.46 13.23 -31.71
N ASP B 486 22.44 13.45 -33.04
CA ASP B 486 22.76 14.75 -33.62
C ASP B 486 21.54 15.66 -33.60
N CYS B 487 21.28 16.24 -32.44
CA CYS B 487 20.31 17.31 -32.25
C CYS B 487 20.49 17.96 -30.88
N ASP B 488 20.14 19.23 -30.78
CA ASP B 488 20.35 20.02 -29.57
C ASP B 488 19.31 19.71 -28.50
N ILE B 489 19.73 19.70 -27.23
CA ILE B 489 18.82 19.71 -26.08
C ILE B 489 19.23 20.73 -25.02
N ASP B 490 18.25 21.28 -24.30
CA ASP B 490 18.48 22.30 -23.29
C ASP B 490 17.65 21.93 -22.06
N VAL B 491 18.33 21.43 -21.02
CA VAL B 491 17.66 20.85 -19.85
C VAL B 491 16.87 21.91 -19.06
N PRO B 492 17.54 22.97 -18.56
CA PRO B 492 16.78 23.97 -17.78
C PRO B 492 15.71 24.74 -18.56
N LYS B 493 15.96 25.01 -19.85
CA LYS B 493 14.93 25.58 -20.75
C LYS B 493 13.69 24.69 -20.88
N THR B 494 13.90 23.38 -21.00
CA THR B 494 12.80 22.42 -21.09
C THR B 494 12.01 22.42 -19.79
N ILE B 495 12.71 22.43 -18.65
CA ILE B 495 12.05 22.49 -17.33
C ILE B 495 11.24 23.77 -17.16
N GLN B 496 11.83 24.93 -17.52
CA GLN B 496 11.15 26.24 -17.41
C GLN B 496 9.85 26.28 -18.23
N MET B 497 9.92 25.75 -19.44
CA MET B 497 8.77 25.58 -20.33
C MET B 497 7.65 24.71 -19.71
N VAL B 498 8.06 23.66 -19.00
CA VAL B 498 7.12 22.81 -18.22
C VAL B 498 6.62 23.51 -16.94
N ARG B 499 7.51 24.19 -16.22
CA ARG B 499 7.18 24.99 -15.04
C ARG B 499 6.17 26.13 -15.28
N SER B 500 6.14 26.63 -16.52
CA SER B 500 5.17 27.63 -16.96
C SER B 500 3.74 27.09 -17.22
N GLN B 501 3.59 25.78 -17.20
CA GLN B 501 2.33 25.10 -17.42
C GLN B 501 1.79 24.41 -16.17
N ARG B 502 2.66 23.98 -15.25
CA ARG B 502 2.23 23.63 -13.87
C ARG B 502 3.33 24.02 -12.89
N SER B 503 2.91 24.50 -11.72
CA SER B 503 3.81 25.09 -10.74
C SER B 503 4.87 24.09 -10.23
N GLY B 504 6.12 24.52 -10.16
CA GLY B 504 7.16 23.77 -9.46
C GLY B 504 7.52 22.42 -10.06
N MET B 505 7.31 22.25 -11.36
CA MET B 505 7.64 21.00 -12.03
C MET B 505 9.16 20.79 -11.98
N VAL B 506 9.56 19.63 -11.42
CA VAL B 506 10.94 19.32 -10.98
C VAL B 506 11.24 20.10 -9.69
N GLN B 507 11.42 19.37 -8.58
CA GLN B 507 11.45 19.97 -7.24
C GLN B 507 12.83 20.24 -6.66
N THR B 508 13.78 19.35 -6.92
CA THR B 508 15.11 19.39 -6.27
C THR B 508 16.28 19.36 -7.23
N GLU B 509 17.48 19.67 -6.71
CA GLU B 509 18.74 19.55 -7.47
C GLU B 509 19.07 18.09 -7.79
N ALA B 510 18.70 17.17 -6.89
CA ALA B 510 18.86 15.72 -7.10
C ALA B 510 18.08 15.22 -8.29
N GLN B 511 16.84 15.67 -8.42
CA GLN B 511 16.01 15.38 -9.58
C GLN B 511 16.53 16.04 -10.85
N TYR B 512 17.00 17.29 -10.74
CA TYR B 512 17.69 17.99 -11.84
C TYR B 512 18.91 17.19 -12.34
N ARG B 513 19.83 16.84 -11.43
CA ARG B 513 20.97 15.93 -11.70
C ARG B 513 20.56 14.60 -12.32
N PHE B 514 19.49 14.00 -11.78
CA PHE B 514 18.95 12.72 -12.25
C PHE B 514 18.43 12.76 -13.70
N ILE B 515 17.80 13.88 -14.08
CA ILE B 515 17.32 14.06 -15.46
C ILE B 515 18.50 14.00 -16.44
N TYR B 516 19.56 14.76 -16.15
CA TYR B 516 20.85 14.74 -16.90
C TYR B 516 21.41 13.33 -17.06
N MET B 517 21.57 12.66 -15.91
CA MET B 517 22.12 11.28 -15.88
C MET B 517 21.21 10.23 -16.54
N ALA B 518 19.90 10.47 -16.54
CA ALA B 518 18.94 9.65 -17.29
C ALA B 518 19.08 9.81 -18.80
N VAL B 519 19.20 11.06 -19.25
CA VAL B 519 19.45 11.39 -20.67
C VAL B 519 20.81 10.87 -21.15
N GLN B 520 21.84 11.00 -20.30
CA GLN B 520 23.20 10.47 -20.55
C GLN B 520 23.22 8.95 -20.74
N HIS B 521 22.62 8.22 -19.78
CA HIS B 521 22.51 6.74 -19.80
C HIS B 521 21.76 6.24 -21.05
N TYR B 522 20.69 6.95 -21.42
CA TYR B 522 19.92 6.69 -22.66
C TYR B 522 20.77 6.78 -23.95
N ILE B 523 21.60 7.82 -24.03
CA ILE B 523 22.48 8.04 -25.19
C ILE B 523 23.61 6.99 -25.25
N GLU B 524 24.17 6.63 -24.08
CA GLU B 524 25.16 5.54 -23.98
C GLU B 524 24.59 4.19 -24.41
N THR B 525 23.39 3.85 -23.92
CA THR B 525 22.66 2.61 -24.29
C THR B 525 21.73 2.91 -25.48
N LEU B 526 22.33 3.02 -26.66
CA LEU B 526 21.64 3.44 -27.88
C LEU B 526 22.11 2.66 -29.11
C2 U70 C . -3.93 -31.26 10.64
C3 U70 C . -2.54 -31.23 10.65
C4 U70 C . -1.86 -31.01 9.46
C5 U70 C . -2.58 -30.81 8.27
C6 U70 C . -3.98 -30.82 8.26
C7 U70 C . -4.66 -31.06 9.46
N10 U70 C . -5.63 -29.78 6.66
C15 U70 C . -4.13 -32.31 3.20
C16 U70 C . -3.32 -32.78 4.28
C18 U70 C . -4.34 -31.31 5.75
C21 U70 C . -4.70 -32.84 -0.56
C23 U70 C . -4.13 -34.98 0.85
C24 U70 C . -3.20 -34.01 1.53
C30 U70 C . -7.99 -34.60 -3.68
C31 U70 C . -9.36 -34.95 -4.18
C32 U70 C . -6.96 -34.47 -4.51
CL1 U70 C . -4.79 -31.55 12.10
CL8 U70 C . -6.40 -31.07 9.50
C9 U70 C . -4.67 -30.60 6.98
N11 U70 C . -5.96 -29.88 5.31
C13 U70 C . -5.17 -30.83 4.72
N14 U70 C . -5.04 -31.35 3.49
N17 U70 C . -3.43 -32.27 5.50
N19 U70 C . -4.04 -32.82 1.88
C20 U70 C . -4.42 -31.99 0.70
C22 U70 C . -4.54 -34.36 -0.49
C25 U70 C . -5.93 -33.76 -0.73
C26 U70 C . -7.03 -33.75 0.38
N27 U70 C . -7.55 -35.10 0.66
C28 U70 C . -6.48 -34.05 -2.12
N29 U70 C . -7.71 -34.36 -2.41
S33 U70 C . -5.55 -34.04 -3.55
C2 U70 D . 15.89 29.61 -19.05
C3 U70 D . 16.13 29.32 -20.39
C4 U70 D . 17.34 28.73 -20.74
C5 U70 D . 18.29 28.45 -19.76
C6 U70 D . 18.04 28.74 -18.41
C7 U70 D . 16.83 29.34 -18.06
N10 U70 D . 18.96 27.79 -16.27
C15 U70 D . 23.11 29.35 -17.14
C16 U70 D . 22.39 29.81 -18.29
C18 U70 D . 20.44 28.88 -17.51
C21 U70 D . 26.55 29.33 -15.49
C23 U70 D . 25.76 31.57 -16.64
C24 U70 D . 25.25 30.60 -17.69
C30 U70 D . 28.75 31.20 -11.57
C31 U70 D . 28.85 31.78 -10.19
C32 U70 D . 29.83 30.78 -12.22
CL1 U70 D . 14.41 30.35 -18.55
CL8 U70 D . 16.50 29.72 -16.40
C9 U70 D . 19.06 28.45 -17.40
N11 U70 D . 20.19 27.74 -15.62
C13 U70 D . 21.11 28.40 -16.36
N14 U70 D . 22.42 28.65 -16.21
N17 U70 D . 21.10 29.57 -18.44
N19 U70 D . 24.47 29.58 -16.93
C20 U70 D . 25.30 28.66 -16.09
C22 U70 D . 26.79 30.81 -15.80
C25 U70 D . 26.49 30.35 -14.36
C26 U70 D . 25.13 30.68 -13.69
N27 U70 D . 25.05 32.09 -13.32
C28 U70 D . 27.66 30.57 -13.43
N29 U70 D . 27.61 31.09 -12.24
S33 U70 D . 29.29 30.18 -13.79
#